data_6L3G
#
_entry.id   6L3G
#
_cell.length_a   131.265
_cell.length_b   131.265
_cell.length_c   117.183
_cell.angle_alpha   90.000
_cell.angle_beta   90.000
_cell.angle_gamma   120.000
#
_symmetry.space_group_name_H-M   'P 31 1 2'
#
loop_
_entity.id
_entity.type
_entity.pdbx_description
1 polymer "DNA (5'-D(P*TP*TP*TP*TP*TP*TP*TP*CP*GP*CP*GP*CP*GP*CP*GP*CP*GP*TP*TP*TP*T)-3')"
2 polymer 'ATP-dependent DNA helicase'
3 non-polymer "ADENOSINE-5'-DIPHOSPHATE"
4 non-polymer 'MAGNESIUM ION'
5 non-polymer 'TETRAFLUOROALUMINATE ION'
6 water water
#
loop_
_entity_poly.entity_id
_entity_poly.type
_entity_poly.pdbx_seq_one_letter_code
_entity_poly.pdbx_strand_id
1 'polydeoxyribonucleotide'
;(DT)(DT)(DT)(DT)(DT)(DT)(DT)(DT)(DT)(DT)(DC)(DG)(DC)(DG)(DC)(DG)(DC)(DG)(DC)(DG)
(DT)(DT)(DT)(DT)(DT)(DT)(DT)(DT)(DT)(DT)
;
D
2 'polypeptide(L)'
;MEDMILTEEMQKIMNLIQDDENNVFVTGKAGSGKTTFLKYLIEKSGKNCIVAAPTGIAAINAGGVTLHSLFGIPFGPITP
YDRLENKFSEYKVELLLKMELLIIDEISMVRPDILDTIDRKLRWVYESDEPFGGVQVVMFGDLFQLPPVTKKQEREILSD
FYDGFFFFNALVFKRTGFHIVELTKIFRQTEPEFINVLNNIRNYQVTSDELDLLSELKDRKISSSYDNEYIHICTHKADV
EKINADKLGEQEIRNYDIVIKDKFPESSIPCDLHLKLRVGARVMSLVNDSLKGYYNGMLGIVTALEDNVITVRMDNGRTI
KFERYTWSNTQYTLKDNEIVKEEIGSCTQFPLTLAWAITIHKSQGLTFDKIIIHVSHTFCPGQLYVALSRCRTLEGIVSD
AFITKQMIIPEYALIDFERAYKSEGNYYGKRLD
;
A,B
#
loop_
_chem_comp.id
_chem_comp.type
_chem_comp.name
_chem_comp.formula
ADP non-polymer ADENOSINE-5'-DIPHOSPHATE 'C10 H15 N5 O10 P2'
ALF non-polymer 'TETRAFLUOROALUMINATE ION' 'Al F4 -1'
DC DNA linking 2'-DEOXYCYTIDINE-5'-MONOPHOSPHATE 'C9 H14 N3 O7 P'
DG DNA linking 2'-DEOXYGUANOSINE-5'-MONOPHOSPHATE 'C10 H14 N5 O7 P'
DT DNA linking THYMIDINE-5'-MONOPHOSPHATE 'C10 H15 N2 O8 P'
MG non-polymer 'MAGNESIUM ION' 'Mg 2'
#
# COMPACT_ATOMS: atom_id res chain seq x y z
N MET B 4 -35.04 -15.98 24.50
CA MET B 4 -34.93 -15.28 23.22
C MET B 4 -35.73 -16.00 22.15
N ILE B 5 -36.44 -15.24 21.32
CA ILE B 5 -37.30 -15.77 20.27
C ILE B 5 -36.63 -15.51 18.92
N LEU B 6 -36.44 -16.57 18.15
CA LEU B 6 -35.97 -16.47 16.76
C LEU B 6 -37.19 -16.40 15.84
N THR B 7 -37.41 -15.24 15.23
CA THR B 7 -38.58 -15.03 14.38
C THR B 7 -38.30 -15.52 12.96
N GLU B 8 -39.38 -15.63 12.17
CA GLU B 8 -39.24 -16.03 10.77
C GLU B 8 -38.43 -15.02 9.96
N GLU B 9 -38.61 -13.72 10.25
CA GLU B 9 -37.80 -12.72 9.57
C GLU B 9 -36.32 -12.96 9.83
N MET B 10 -35.97 -13.25 11.08
CA MET B 10 -34.57 -13.49 11.43
C MET B 10 -34.05 -14.74 10.73
N GLN B 11 -34.87 -15.79 10.65
CA GLN B 11 -34.45 -17.03 10.00
C GLN B 11 -34.16 -16.80 8.52
N LYS B 12 -35.00 -16.01 7.84
CA LYS B 12 -34.78 -15.76 6.42
C LYS B 12 -33.47 -15.01 6.21
N ILE B 13 -33.14 -14.12 7.13
CA ILE B 13 -31.93 -13.31 7.02
C ILE B 13 -30.70 -14.18 7.25
N MET B 14 -30.74 -15.04 8.28
CA MET B 14 -29.69 -16.03 8.49
C MET B 14 -29.39 -16.81 7.22
N ASN B 15 -30.43 -17.31 6.55
CA ASN B 15 -30.22 -18.13 5.37
C ASN B 15 -29.71 -17.30 4.21
N LEU B 16 -30.19 -16.06 4.07
CA LEU B 16 -29.64 -15.16 3.06
C LEU B 16 -28.13 -14.98 3.24
N ILE B 17 -27.70 -14.68 4.47
CA ILE B 17 -26.30 -14.38 4.71
C ILE B 17 -25.42 -15.62 4.50
N GLN B 18 -25.95 -16.81 4.82
CA GLN B 18 -25.18 -18.03 4.63
C GLN B 18 -25.09 -18.43 3.15
N ASP B 19 -26.12 -18.17 2.37
CA ASP B 19 -26.15 -18.65 0.99
C ASP B 19 -25.55 -17.65 0.01
N ASP B 20 -25.43 -16.39 0.40
CA ASP B 20 -25.20 -15.29 -0.53
C ASP B 20 -24.18 -14.36 0.09
N GLU B 21 -23.07 -14.13 -0.60
CA GLU B 21 -21.99 -13.34 -0.02
C GLU B 21 -22.24 -11.85 -0.13
N ASN B 22 -23.32 -11.43 -0.78
CA ASN B 22 -23.64 -10.01 -0.90
C ASN B 22 -23.75 -9.36 0.48
N ASN B 23 -23.44 -8.07 0.52
CA ASN B 23 -23.68 -7.28 1.72
C ASN B 23 -25.18 -7.12 1.98
N VAL B 24 -25.51 -6.87 3.25
CA VAL B 24 -26.88 -6.78 3.72
C VAL B 24 -26.96 -5.65 4.72
N PHE B 25 -28.04 -4.85 4.62
CA PHE B 25 -28.41 -3.90 5.66
C PHE B 25 -29.60 -4.47 6.42
N VAL B 26 -29.40 -4.82 7.68
CA VAL B 26 -30.48 -5.26 8.56
C VAL B 26 -30.99 -4.07 9.35
N THR B 27 -32.26 -3.70 9.13
CA THR B 27 -32.82 -2.52 9.76
C THR B 27 -34.09 -2.89 10.50
N GLY B 28 -34.72 -1.90 11.11
CA GLY B 28 -35.93 -2.11 11.87
C GLY B 28 -36.06 -1.06 12.95
N LYS B 29 -37.28 -0.93 13.48
CA LYS B 29 -37.56 0.11 14.44
C LYS B 29 -36.82 -0.18 15.76
N ALA B 30 -36.84 0.79 16.66
CA ALA B 30 -36.24 0.63 17.98
C ALA B 30 -36.74 -0.65 18.65
N GLY B 31 -35.82 -1.42 19.22
CA GLY B 31 -36.23 -2.56 20.02
C GLY B 31 -36.83 -3.70 19.23
N SER B 32 -36.50 -3.80 17.94
CA SER B 32 -36.93 -4.92 17.11
C SER B 32 -35.98 -6.11 17.15
N GLY B 33 -35.01 -6.13 18.07
CA GLY B 33 -34.13 -7.28 18.18
C GLY B 33 -32.90 -7.27 17.30
N LYS B 34 -32.49 -6.11 16.77
CA LYS B 34 -31.37 -6.09 15.84
C LYS B 34 -30.08 -6.54 16.51
N THR B 35 -29.75 -5.96 17.66
CA THR B 35 -28.47 -6.29 18.30
C THR B 35 -28.52 -7.69 18.91
N THR B 36 -29.68 -8.08 19.44
CA THR B 36 -29.87 -9.46 19.89
C THR B 36 -29.63 -10.44 18.75
N PHE B 37 -30.15 -10.12 17.56
CA PHE B 37 -30.01 -11.01 16.42
C PHE B 37 -28.58 -10.99 15.89
N LEU B 38 -27.94 -9.82 15.92
CA LEU B 38 -26.52 -9.72 15.59
C LEU B 38 -25.71 -10.76 16.36
N LYS B 39 -25.90 -10.82 17.69
CA LYS B 39 -25.13 -11.76 18.49
C LYS B 39 -25.48 -13.21 18.15
N TYR B 40 -26.75 -13.48 17.80
CA TYR B 40 -27.16 -14.81 17.37
C TYR B 40 -26.48 -15.20 16.05
N LEU B 41 -26.53 -14.29 15.06
CA LEU B 41 -25.91 -14.54 13.76
C LEU B 41 -24.47 -15.02 13.91
N ILE B 42 -23.69 -14.33 14.74
CA ILE B 42 -22.28 -14.69 14.89
C ILE B 42 -22.14 -16.07 15.54
N GLU B 43 -22.80 -16.26 16.68
CA GLU B 43 -22.77 -17.56 17.37
C GLU B 43 -23.10 -18.71 16.42
N LYS B 44 -24.06 -18.51 15.51
CA LYS B 44 -24.49 -19.61 14.65
C LYS B 44 -23.75 -19.67 13.32
N SER B 45 -23.27 -18.52 12.82
CA SER B 45 -22.51 -18.54 11.58
C SER B 45 -21.22 -19.33 11.77
N GLY B 46 -20.76 -19.97 10.69
CA GLY B 46 -19.43 -20.53 10.76
C GLY B 46 -18.33 -19.57 10.37
N LYS B 47 -18.63 -18.29 10.21
CA LYS B 47 -17.65 -17.33 9.72
C LYS B 47 -16.90 -16.69 10.88
N ASN B 48 -15.68 -16.25 10.59
CA ASN B 48 -14.93 -15.39 11.51
C ASN B 48 -15.51 -13.98 11.44
N CYS B 49 -16.10 -13.52 12.54
CA CYS B 49 -16.78 -12.23 12.57
C CYS B 49 -16.04 -11.26 13.48
N ILE B 50 -16.01 -10.00 13.08
CA ILE B 50 -15.55 -8.89 13.91
C ILE B 50 -16.70 -7.90 14.06
N VAL B 51 -16.92 -7.42 15.28
CA VAL B 51 -18.04 -6.54 15.61
C VAL B 51 -17.51 -5.15 15.88
N ALA B 52 -18.17 -4.13 15.31
CA ALA B 52 -17.80 -2.75 15.57
C ALA B 52 -19.06 -1.88 15.60
N ALA B 53 -18.89 -0.67 16.10
CA ALA B 53 -19.95 0.32 16.19
C ALA B 53 -19.32 1.70 16.22
N PRO B 54 -20.10 2.75 15.93
CA PRO B 54 -19.48 4.09 15.87
C PRO B 54 -19.19 4.69 17.24
N THR B 55 -19.98 4.33 18.26
CA THR B 55 -19.77 4.82 19.62
C THR B 55 -19.28 3.70 20.53
N GLY B 56 -18.55 4.09 21.58
CA GLY B 56 -18.00 3.11 22.50
C GLY B 56 -19.06 2.33 23.25
N ILE B 57 -20.11 3.02 23.70
CA ILE B 57 -21.20 2.37 24.41
C ILE B 57 -21.89 1.35 23.51
N ALA B 58 -22.23 1.75 22.28
CA ALA B 58 -22.89 0.83 21.36
C ALA B 58 -22.00 -0.37 21.07
N ALA B 59 -20.69 -0.13 20.94
CA ALA B 59 -19.76 -1.23 20.69
C ALA B 59 -19.81 -2.24 21.82
N ILE B 60 -19.72 -1.76 23.06
CA ILE B 60 -19.83 -2.64 24.21
C ILE B 60 -21.16 -3.38 24.20
N ASN B 61 -22.25 -2.67 23.88
CA ASN B 61 -23.56 -3.30 23.83
C ASN B 61 -23.59 -4.43 22.81
N ALA B 62 -22.86 -4.27 21.71
CA ALA B 62 -22.80 -5.33 20.70
C ALA B 62 -21.68 -6.32 20.95
N GLY B 63 -20.84 -6.08 21.96
CA GLY B 63 -19.73 -6.96 22.23
C GLY B 63 -18.47 -6.68 21.45
N GLY B 64 -18.34 -5.50 20.85
CA GLY B 64 -17.18 -5.18 20.04
C GLY B 64 -16.50 -3.90 20.48
N VAL B 65 -15.90 -3.23 19.49
CA VAL B 65 -15.06 -2.06 19.69
C VAL B 65 -15.47 -0.99 18.70
N THR B 66 -15.00 0.24 18.93
CA THR B 66 -15.32 1.33 18.02
C THR B 66 -14.65 1.10 16.67
N LEU B 67 -15.30 1.61 15.61
CA LEU B 67 -14.70 1.57 14.28
C LEU B 67 -13.36 2.28 14.27
N HIS B 68 -13.26 3.41 14.96
CA HIS B 68 -12.01 4.18 14.96
C HIS B 68 -10.87 3.37 15.55
N SER B 69 -11.16 2.59 16.60
CA SER B 69 -10.11 1.77 17.22
C SER B 69 -9.75 0.58 16.33
N LEU B 70 -10.75 -0.15 15.85
CA LEU B 70 -10.49 -1.34 15.03
C LEU B 70 -9.64 -0.99 13.82
N PHE B 71 -9.96 0.10 13.13
CA PHE B 71 -9.31 0.44 11.86
C PHE B 71 -8.35 1.61 11.97
N GLY B 72 -8.07 2.09 13.17
CA GLY B 72 -7.10 3.17 13.34
C GLY B 72 -7.46 4.43 12.59
N ILE B 73 -8.68 4.93 12.77
CA ILE B 73 -9.19 6.03 11.97
C ILE B 73 -8.95 7.34 12.70
N PRO B 74 -8.39 8.35 12.04
CA PRO B 74 -8.20 9.66 12.68
C PRO B 74 -9.52 10.41 12.81
N PHE B 75 -9.46 11.49 13.59
CA PHE B 75 -10.64 12.32 13.75
C PHE B 75 -10.72 13.31 12.60
N GLY B 76 -11.93 13.81 12.33
CA GLY B 76 -12.11 14.80 11.31
C GLY B 76 -12.45 14.18 9.97
N PRO B 77 -12.98 14.99 9.05
CA PRO B 77 -13.43 14.45 7.77
C PRO B 77 -12.26 13.97 6.94
N ILE B 78 -12.48 12.87 6.21
CA ILE B 78 -11.49 12.29 5.32
C ILE B 78 -12.02 12.35 3.89
N THR B 79 -11.28 13.03 3.02
CA THR B 79 -11.65 13.16 1.61
C THR B 79 -10.96 12.08 0.78
N PRO B 80 -11.47 11.81 -0.43
CA PRO B 80 -10.80 10.80 -1.28
C PRO B 80 -9.38 11.15 -1.70
N TYR B 81 -8.91 12.38 -1.46
CA TYR B 81 -7.56 12.77 -1.84
C TYR B 81 -6.59 12.79 -0.66
N ASP B 82 -7.09 12.74 0.56
CA ASP B 82 -6.22 12.63 1.73
C ASP B 82 -5.47 11.29 1.73
N ARG B 83 -4.20 11.34 2.10
CA ARG B 83 -3.38 10.16 2.22
C ARG B 83 -3.57 9.56 3.61
N LEU B 84 -3.79 8.25 3.68
CA LEU B 84 -3.98 7.56 4.95
C LEU B 84 -2.67 6.95 5.43
N GLU B 85 -2.41 7.12 6.74
CA GLU B 85 -1.34 6.39 7.41
C GLU B 85 -1.77 4.95 7.64
N ASN B 86 -1.10 4.01 6.99
CA ASN B 86 -1.36 2.58 7.18
C ASN B 86 -0.33 2.04 8.16
N LYS B 87 -0.62 2.16 9.45
CA LYS B 87 0.30 1.83 10.52
C LYS B 87 -0.25 0.70 11.37
N PHE B 88 -0.88 -0.28 10.72
CA PHE B 88 -1.43 -1.43 11.43
C PHE B 88 -0.32 -2.35 11.92
N SER B 89 -0.44 -2.77 13.18
CA SER B 89 0.37 -3.86 13.72
C SER B 89 0.14 -5.15 12.94
N GLU B 90 1.06 -6.11 13.12
CA GLU B 90 0.88 -7.42 12.49
C GLU B 90 -0.31 -8.19 13.06
N TYR B 91 -0.59 -8.08 14.37
CA TYR B 91 -1.80 -8.70 14.91
C TYR B 91 -3.05 -8.18 14.21
N LYS B 92 -3.13 -6.86 14.00
CA LYS B 92 -4.33 -6.28 13.41
C LYS B 92 -4.44 -6.67 11.95
N VAL B 93 -3.34 -6.61 11.20
CA VAL B 93 -3.37 -7.04 9.80
C VAL B 93 -3.86 -8.49 9.73
N GLU B 94 -3.30 -9.35 10.59
CA GLU B 94 -3.68 -10.75 10.60
C GLU B 94 -5.14 -10.93 10.97
N LEU B 95 -5.61 -10.18 11.98
CA LEU B 95 -7.01 -10.25 12.38
C LEU B 95 -7.93 -9.84 11.22
N LEU B 96 -7.57 -8.76 10.51
CA LEU B 96 -8.40 -8.29 9.41
C LEU B 96 -8.33 -9.26 8.23
N LEU B 97 -7.18 -9.89 8.01
CA LEU B 97 -7.08 -10.91 6.97
C LEU B 97 -7.85 -12.16 7.36
N LYS B 98 -7.84 -12.52 8.64
CA LYS B 98 -8.57 -13.69 9.10
C LYS B 98 -10.07 -13.46 9.08
N MET B 99 -10.49 -12.20 9.20
CA MET B 99 -11.90 -11.86 9.24
C MET B 99 -12.61 -12.30 7.96
N GLU B 100 -13.79 -12.88 8.12
CA GLU B 100 -14.63 -13.24 6.98
C GLU B 100 -15.88 -12.38 6.88
N LEU B 101 -16.35 -11.83 7.99
CA LEU B 101 -17.60 -11.08 8.05
C LEU B 101 -17.35 -9.86 8.93
N LEU B 102 -17.52 -8.67 8.36
CA LEU B 102 -17.44 -7.43 9.14
C LEU B 102 -18.84 -7.02 9.57
N ILE B 103 -19.06 -6.92 10.88
CA ILE B 103 -20.37 -6.61 11.44
C ILE B 103 -20.32 -5.21 12.03
N ILE B 104 -21.16 -4.30 11.55
CA ILE B 104 -21.19 -2.93 12.04
C ILE B 104 -22.58 -2.66 12.60
N ASP B 105 -22.65 -2.35 13.89
CA ASP B 105 -23.91 -2.02 14.54
C ASP B 105 -24.11 -0.50 14.58
N GLU B 106 -25.37 -0.10 14.80
CA GLU B 106 -25.76 1.30 14.84
C GLU B 106 -25.23 2.07 13.62
N ILE B 107 -25.46 1.51 12.44
CA ILE B 107 -24.93 2.08 11.20
C ILE B 107 -25.44 3.50 10.95
N SER B 108 -26.61 3.85 11.50
CA SER B 108 -27.20 5.16 11.27
C SER B 108 -26.29 6.32 11.71
N MET B 109 -25.33 6.06 12.59
CA MET B 109 -24.43 7.09 13.07
C MET B 109 -23.04 7.00 12.45
N VAL B 110 -22.91 6.28 11.34
CA VAL B 110 -21.63 6.09 10.66
C VAL B 110 -21.60 7.00 9.44
N ARG B 111 -20.57 7.85 9.34
CA ARG B 111 -20.42 8.73 8.21
C ARG B 111 -20.03 7.95 6.95
N PRO B 112 -20.32 8.50 5.77
CA PRO B 112 -19.90 7.80 4.54
C PRO B 112 -18.40 7.76 4.35
N ASP B 113 -17.68 8.82 4.76
CA ASP B 113 -16.23 8.81 4.62
C ASP B 113 -15.58 7.84 5.59
N ILE B 114 -16.26 7.51 6.68
CA ILE B 114 -15.74 6.47 7.57
C ILE B 114 -15.80 5.11 6.88
N LEU B 115 -16.92 4.81 6.23
CA LEU B 115 -17.04 3.55 5.50
C LEU B 115 -16.03 3.49 4.36
N ASP B 116 -15.79 4.62 3.70
CA ASP B 116 -14.83 4.65 2.60
C ASP B 116 -13.41 4.47 3.12
N THR B 117 -13.10 5.07 4.28
CA THR B 117 -11.81 4.83 4.91
C THR B 117 -11.62 3.36 5.24
N ILE B 118 -12.67 2.71 5.75
CA ILE B 118 -12.61 1.27 6.01
C ILE B 118 -12.39 0.50 4.72
N ASP B 119 -13.15 0.85 3.67
CA ASP B 119 -12.91 0.27 2.36
C ASP B 119 -11.47 0.41 1.92
N ARG B 120 -10.93 1.64 1.97
CA ARG B 120 -9.56 1.86 1.55
C ARG B 120 -8.58 1.06 2.41
N LYS B 121 -8.79 1.04 3.72
CA LYS B 121 -7.87 0.34 4.61
C LYS B 121 -7.95 -1.16 4.42
N LEU B 122 -9.15 -1.69 4.18
CA LEU B 122 -9.27 -3.14 3.95
C LEU B 122 -8.67 -3.54 2.62
N ARG B 123 -8.87 -2.70 1.58
CA ARG B 123 -8.26 -3.00 0.30
C ARG B 123 -6.74 -2.96 0.40
N TRP B 124 -6.21 -2.05 1.22
CA TRP B 124 -4.79 -2.02 1.50
C TRP B 124 -4.33 -3.29 2.21
N VAL B 125 -5.02 -3.66 3.29
CA VAL B 125 -4.67 -4.87 4.03
C VAL B 125 -4.76 -6.10 3.13
N TYR B 126 -5.80 -6.21 2.30
CA TYR B 126 -5.96 -7.39 1.47
C TYR B 126 -5.22 -7.28 0.14
N GLU B 127 -4.60 -6.14 -0.15
CA GLU B 127 -3.95 -5.90 -1.44
C GLU B 127 -4.89 -6.22 -2.60
N SER B 128 -6.11 -5.73 -2.51
CA SER B 128 -7.17 -6.12 -3.43
C SER B 128 -7.90 -4.89 -3.95
N ASP B 129 -8.52 -5.03 -5.12
CA ASP B 129 -9.40 -4.02 -5.66
C ASP B 129 -10.88 -4.30 -5.37
N GLU B 130 -11.20 -5.43 -4.75
CA GLU B 130 -12.58 -5.71 -4.41
C GLU B 130 -13.03 -4.76 -3.31
N PRO B 131 -14.25 -4.24 -3.37
CA PRO B 131 -14.73 -3.35 -2.30
C PRO B 131 -14.61 -4.02 -0.95
N PHE B 132 -14.12 -3.26 0.04
CA PHE B 132 -13.90 -3.77 1.40
C PHE B 132 -12.94 -4.94 1.43
N GLY B 133 -12.07 -5.07 0.42
CA GLY B 133 -11.14 -6.18 0.35
C GLY B 133 -11.78 -7.54 0.13
N GLY B 134 -13.05 -7.58 -0.27
CA GLY B 134 -13.76 -8.83 -0.44
C GLY B 134 -14.46 -9.34 0.79
N VAL B 135 -14.30 -8.68 1.93
CA VAL B 135 -15.03 -9.09 3.14
C VAL B 135 -16.51 -8.80 2.96
N GLN B 136 -17.34 -9.69 3.47
CA GLN B 136 -18.79 -9.48 3.47
C GLN B 136 -19.17 -8.61 4.66
N VAL B 137 -19.99 -7.58 4.40
CA VAL B 137 -20.34 -6.59 5.41
C VAL B 137 -21.83 -6.69 5.70
N VAL B 138 -22.17 -6.83 6.99
CA VAL B 138 -23.56 -6.85 7.44
C VAL B 138 -23.73 -5.70 8.43
N MET B 139 -24.62 -4.76 8.10
CA MET B 139 -24.81 -3.55 8.88
C MET B 139 -26.15 -3.58 9.61
N PHE B 140 -26.14 -3.17 10.87
CA PHE B 140 -27.34 -3.15 11.70
C PHE B 140 -27.60 -1.73 12.17
N GLY B 141 -28.86 -1.32 12.12
CA GLY B 141 -29.24 -0.05 12.70
C GLY B 141 -30.57 0.44 12.13
N ASP B 142 -30.84 1.71 12.38
CA ASP B 142 -32.13 2.33 12.09
C ASP B 142 -31.83 3.75 11.64
N LEU B 143 -31.99 4.03 10.34
CA LEU B 143 -31.68 5.35 9.83
C LEU B 143 -32.59 6.44 10.39
N PHE B 144 -33.73 6.08 10.98
CA PHE B 144 -34.61 7.05 11.59
C PHE B 144 -34.28 7.31 13.05
N GLN B 145 -33.15 6.80 13.53
CA GLN B 145 -32.61 7.21 14.82
C GLN B 145 -31.57 8.29 14.55
N LEU B 146 -30.53 8.39 15.37
CA LEU B 146 -29.66 9.54 15.26
C LEU B 146 -28.76 9.43 14.02
N PRO B 147 -28.51 10.54 13.33
CA PRO B 147 -27.57 10.53 12.21
C PRO B 147 -26.14 10.65 12.70
N PRO B 148 -25.15 10.56 11.80
CA PRO B 148 -23.76 10.71 12.25
C PRO B 148 -23.51 12.11 12.77
N VAL B 149 -22.56 12.21 13.70
CA VAL B 149 -22.18 13.52 14.24
C VAL B 149 -21.25 14.21 13.24
N THR B 150 -21.66 15.38 12.76
CA THR B 150 -20.84 16.21 11.90
C THR B 150 -20.97 17.67 12.32
N LYS B 151 -19.85 18.39 12.29
CA LYS B 151 -19.88 19.83 12.47
C LYS B 151 -20.11 20.52 11.13
N LYS B 152 -20.55 21.78 11.20
CA LYS B 152 -20.85 22.51 9.97
C LYS B 152 -19.63 22.58 9.05
N GLN B 153 -18.45 22.82 9.62
CA GLN B 153 -17.24 22.88 8.79
C GLN B 153 -16.96 21.54 8.12
N GLU B 154 -17.16 20.43 8.85
CA GLU B 154 -16.93 19.12 8.26
C GLU B 154 -17.91 18.85 7.12
N ARG B 155 -19.18 19.23 7.31
CA ARG B 155 -20.18 19.06 6.27
C ARG B 155 -19.81 19.84 5.01
N GLU B 156 -19.26 21.04 5.17
CA GLU B 156 -18.87 21.83 4.01
C GLU B 156 -17.77 21.14 3.23
N ILE B 157 -16.74 20.64 3.92
CA ILE B 157 -15.69 19.88 3.25
C ILE B 157 -16.26 18.67 2.54
N LEU B 158 -17.12 17.91 3.24
CA LEU B 158 -17.60 16.66 2.65
C LEU B 158 -18.55 16.92 1.49
N SER B 159 -19.29 18.03 1.53
CA SER B 159 -20.30 18.32 0.51
C SER B 159 -19.71 18.44 -0.89
N ASP B 160 -18.41 18.72 -1.00
CA ASP B 160 -17.74 18.73 -2.30
C ASP B 160 -17.67 17.35 -2.95
N PHE B 161 -17.74 16.29 -2.16
CA PHE B 161 -17.59 14.92 -2.66
C PHE B 161 -18.81 14.05 -2.44
N TYR B 162 -19.68 14.40 -1.50
CA TYR B 162 -20.78 13.55 -1.06
C TYR B 162 -22.10 14.26 -1.29
N ASP B 163 -23.08 13.51 -1.79
CA ASP B 163 -24.44 14.02 -1.97
C ASP B 163 -25.25 14.02 -0.68
N GLY B 164 -24.72 13.44 0.38
CA GLY B 164 -25.35 13.52 1.68
C GLY B 164 -24.43 12.97 2.74
N PHE B 165 -24.93 12.95 3.98
CA PHE B 165 -24.08 12.65 5.14
C PHE B 165 -24.54 11.40 5.88
N PHE B 166 -25.12 10.44 5.16
CA PHE B 166 -25.47 9.15 5.74
C PHE B 166 -24.58 8.07 5.13
N PHE B 167 -24.56 6.91 5.81
CA PHE B 167 -23.62 5.85 5.41
C PHE B 167 -23.81 5.43 3.96
N PHE B 168 -25.06 5.40 3.49
CA PHE B 168 -25.32 4.92 2.13
C PHE B 168 -24.82 5.87 1.05
N ASN B 169 -24.44 7.09 1.41
CA ASN B 169 -23.80 8.01 0.47
C ASN B 169 -22.34 7.71 0.22
N ALA B 170 -21.77 6.67 0.84
CA ALA B 170 -20.35 6.38 0.65
C ALA B 170 -20.07 6.04 -0.81
N LEU B 171 -18.89 6.47 -1.28
CA LEU B 171 -18.52 6.24 -2.67
C LEU B 171 -18.33 4.75 -3.00
N VAL B 172 -18.05 3.92 -2.00
CA VAL B 172 -17.90 2.49 -2.23
C VAL B 172 -19.19 1.87 -2.76
N PHE B 173 -20.33 2.50 -2.52
CA PHE B 173 -21.61 1.96 -2.98
C PHE B 173 -21.93 2.36 -4.42
N LYS B 174 -20.95 2.92 -5.14
CA LYS B 174 -20.97 2.92 -6.59
C LYS B 174 -20.33 1.67 -7.18
N ARG B 175 -19.56 0.94 -6.39
CA ARG B 175 -18.91 -0.29 -6.84
C ARG B 175 -19.50 -1.55 -6.19
N THR B 176 -20.28 -1.40 -5.13
CA THR B 176 -20.94 -2.54 -4.50
C THR B 176 -22.28 -2.07 -3.95
N GLY B 177 -23.01 -2.98 -3.34
CA GLY B 177 -24.30 -2.64 -2.77
C GLY B 177 -24.69 -3.58 -1.66
N PHE B 178 -25.95 -3.51 -1.27
CA PHE B 178 -26.45 -4.33 -0.16
C PHE B 178 -27.95 -4.51 -0.31
N HIS B 179 -28.41 -5.68 0.13
CA HIS B 179 -29.84 -5.88 0.38
C HIS B 179 -30.26 -5.11 1.62
N ILE B 180 -31.53 -4.70 1.65
CA ILE B 180 -32.15 -4.16 2.86
C ILE B 180 -33.24 -5.14 3.32
N VAL B 181 -33.13 -5.59 4.57
CA VAL B 181 -34.14 -6.40 5.22
C VAL B 181 -34.53 -5.69 6.51
N GLU B 182 -35.70 -6.04 7.04
CA GLU B 182 -36.22 -5.34 8.19
C GLU B 182 -36.84 -6.30 9.19
N LEU B 183 -36.74 -5.93 10.46
CA LEU B 183 -37.39 -6.63 11.57
C LEU B 183 -38.58 -5.79 12.02
N THR B 184 -39.77 -6.37 12.01
CA THR B 184 -40.98 -5.57 12.17
C THR B 184 -41.76 -5.90 13.45
N LYS B 185 -41.21 -6.71 14.34
CA LYS B 185 -41.85 -7.02 15.62
C LYS B 185 -41.10 -6.31 16.73
N ILE B 186 -41.81 -5.52 17.53
CA ILE B 186 -41.19 -4.81 18.64
C ILE B 186 -41.12 -5.76 19.83
N PHE B 187 -39.95 -5.82 20.46
CA PHE B 187 -39.75 -6.62 21.67
C PHE B 187 -39.55 -5.78 22.93
N ARG B 188 -38.85 -4.65 22.83
CA ARG B 188 -38.47 -3.90 24.03
C ARG B 188 -39.70 -3.41 24.77
N GLN B 189 -40.64 -2.81 24.05
CA GLN B 189 -41.92 -2.40 24.61
C GLN B 189 -42.99 -3.45 24.33
N THR B 190 -44.01 -3.45 25.18
CA THR B 190 -45.14 -4.36 25.04
C THR B 190 -46.49 -3.66 24.96
N GLU B 191 -46.55 -2.36 25.27
CA GLU B 191 -47.81 -1.62 25.27
C GLU B 191 -48.12 -1.13 23.86
N PRO B 192 -49.21 -1.58 23.24
CA PRO B 192 -49.47 -1.22 21.83
C PRO B 192 -49.61 0.28 21.58
N GLU B 193 -50.19 1.02 22.52
CA GLU B 193 -50.35 2.46 22.29
C GLU B 193 -49.05 3.22 22.45
N PHE B 194 -48.20 2.80 23.39
CA PHE B 194 -46.86 3.39 23.48
C PHE B 194 -46.08 3.14 22.19
N ILE B 195 -46.09 1.90 21.70
CA ILE B 195 -45.45 1.57 20.43
C ILE B 195 -45.98 2.45 19.30
N ASN B 196 -47.30 2.69 19.29
CA ASN B 196 -47.92 3.46 18.21
C ASN B 196 -47.37 4.87 18.12
N VAL B 197 -47.24 5.54 19.27
CA VAL B 197 -46.74 6.92 19.27
C VAL B 197 -45.26 6.95 18.91
N LEU B 198 -44.47 6.03 19.48
CA LEU B 198 -43.08 5.87 19.05
C LEU B 198 -42.95 5.76 17.54
N ASN B 199 -43.73 4.87 16.91
CA ASN B 199 -43.58 4.64 15.49
C ASN B 199 -43.88 5.90 14.68
N ASN B 200 -44.86 6.69 15.12
CA ASN B 200 -45.26 7.86 14.36
C ASN B 200 -44.34 9.05 14.62
N ILE B 201 -43.70 9.10 15.79
CA ILE B 201 -42.59 10.01 16.01
C ILE B 201 -41.45 9.66 15.07
N ARG B 202 -41.10 8.37 14.99
CA ARG B 202 -40.00 7.92 14.17
C ARG B 202 -40.13 8.38 12.71
N ASN B 203 -41.33 8.25 12.14
CA ASN B 203 -41.53 8.55 10.72
C ASN B 203 -42.12 9.93 10.45
N TYR B 204 -42.17 10.80 11.46
CA TYR B 204 -42.56 12.21 11.34
C TYR B 204 -44.05 12.40 11.15
N GLN B 205 -44.86 11.35 11.32
CA GLN B 205 -46.29 11.43 11.07
C GLN B 205 -47.12 11.38 12.35
N VAL B 206 -46.52 11.72 13.49
CA VAL B 206 -47.28 11.76 14.74
C VAL B 206 -48.18 12.98 14.73
N THR B 207 -49.35 12.84 15.34
CA THR B 207 -50.27 13.96 15.49
C THR B 207 -50.23 14.50 16.90
N SER B 208 -50.78 15.71 17.05
CA SER B 208 -50.95 16.30 18.38
C SER B 208 -51.71 15.36 19.31
N ASP B 209 -52.79 14.75 18.82
CA ASP B 209 -53.58 13.87 19.65
C ASP B 209 -52.80 12.65 20.10
N GLU B 210 -51.95 12.10 19.23
CA GLU B 210 -51.15 10.95 19.66
C GLU B 210 -50.12 11.36 20.71
N LEU B 211 -49.49 12.52 20.54
CA LEU B 211 -48.52 12.98 21.53
C LEU B 211 -49.17 13.27 22.87
N ASP B 212 -50.49 13.50 22.87
CA ASP B 212 -51.23 13.70 24.11
C ASP B 212 -51.13 12.50 25.05
N LEU B 213 -50.84 11.30 24.53
CA LEU B 213 -50.65 10.14 25.38
C LEU B 213 -49.50 10.34 26.34
N LEU B 214 -48.54 11.20 25.99
CA LEU B 214 -47.30 11.39 26.72
C LEU B 214 -47.37 12.55 27.69
N SER B 215 -48.56 13.15 27.86
CA SER B 215 -48.70 14.32 28.71
C SER B 215 -48.27 14.03 30.14
N GLU B 216 -48.53 12.81 30.62
CA GLU B 216 -48.22 12.46 31.99
C GLU B 216 -46.73 12.32 32.26
N LEU B 217 -45.88 12.45 31.23
CA LEU B 217 -44.45 12.27 31.44
C LEU B 217 -43.84 13.45 32.20
N LYS B 218 -44.30 14.66 31.91
CA LYS B 218 -43.60 15.86 32.36
C LYS B 218 -43.72 16.03 33.86
N ASP B 219 -42.57 16.16 34.53
CA ASP B 219 -42.49 16.37 35.98
C ASP B 219 -43.24 15.30 36.76
N ARG B 220 -43.28 14.08 36.23
CA ARG B 220 -43.99 12.99 36.88
C ARG B 220 -43.53 12.83 38.33
N LYS B 221 -44.48 12.67 39.24
CA LYS B 221 -44.15 12.43 40.64
C LYS B 221 -43.58 11.03 40.81
N ILE B 222 -42.37 10.95 41.34
CA ILE B 222 -41.88 9.72 41.96
C ILE B 222 -41.06 10.06 43.20
N ASN B 228 -31.82 6.36 42.96
CA ASN B 228 -30.69 6.27 42.04
C ASN B 228 -30.97 5.25 40.94
N GLU B 229 -32.21 4.74 40.92
CA GLU B 229 -32.63 3.76 39.94
C GLU B 229 -32.89 4.37 38.56
N TYR B 230 -33.33 5.62 38.52
CA TYR B 230 -33.60 6.29 37.25
C TYR B 230 -32.32 6.83 36.61
N ILE B 231 -32.10 6.47 35.34
CA ILE B 231 -30.95 6.95 34.58
C ILE B 231 -31.33 8.23 33.84
N HIS B 232 -30.49 9.26 33.97
CA HIS B 232 -30.69 10.51 33.24
C HIS B 232 -30.00 10.47 31.89
N ILE B 233 -30.66 11.02 30.86
CA ILE B 233 -30.10 11.18 29.54
C ILE B 233 -30.46 12.58 29.03
N CYS B 234 -29.50 13.23 28.37
CA CYS B 234 -29.65 14.64 28.01
C CYS B 234 -29.26 14.88 26.56
N THR B 235 -29.88 15.91 25.96
CA THR B 235 -29.50 16.33 24.62
C THR B 235 -28.12 16.96 24.59
N HIS B 236 -27.72 17.61 25.69
CA HIS B 236 -26.56 18.49 25.72
C HIS B 236 -25.56 18.02 26.75
N LYS B 237 -24.27 18.15 26.42
CA LYS B 237 -23.22 17.75 27.35
C LYS B 237 -23.25 18.62 28.60
N ALA B 238 -23.57 19.91 28.43
CA ALA B 238 -23.64 20.83 29.56
C ALA B 238 -24.67 20.38 30.60
N ASP B 239 -25.81 19.88 30.13
CA ASP B 239 -26.80 19.32 31.05
C ASP B 239 -26.28 18.07 31.75
N VAL B 240 -25.63 17.18 30.99
CA VAL B 240 -25.00 16.00 31.58
C VAL B 240 -24.08 16.38 32.72
N GLU B 241 -23.22 17.38 32.49
CA GLU B 241 -22.26 17.79 33.53
C GLU B 241 -22.96 18.32 34.77
N LYS B 242 -24.05 19.08 34.60
CA LYS B 242 -24.76 19.60 35.77
C LYS B 242 -25.43 18.48 36.57
N ILE B 243 -26.14 17.58 35.90
CA ILE B 243 -26.80 16.49 36.61
C ILE B 243 -25.77 15.60 37.31
N ASN B 244 -24.65 15.32 36.64
CA ASN B 244 -23.63 14.48 37.26
C ASN B 244 -23.04 15.14 38.49
N ALA B 245 -22.80 16.46 38.42
CA ALA B 245 -22.24 17.17 39.55
C ALA B 245 -23.22 17.24 40.72
N ASP B 246 -24.51 17.45 40.43
CA ASP B 246 -25.53 17.36 41.47
C ASP B 246 -25.49 16.02 42.20
N LYS B 247 -25.57 14.92 41.45
CA LYS B 247 -25.60 13.61 42.08
C LYS B 247 -24.28 13.29 42.80
N LEU B 248 -23.17 13.84 42.33
CA LEU B 248 -21.89 13.61 42.99
C LEU B 248 -21.88 14.20 44.39
N GLY B 249 -22.44 15.39 44.55
CA GLY B 249 -22.43 16.06 45.83
C GLY B 249 -21.10 16.68 46.18
N GLU B 250 -21.01 17.11 47.44
CA GLU B 250 -19.79 17.66 48.01
C GLU B 250 -19.27 16.89 49.22
N GLN B 251 -19.85 15.72 49.53
CA GLN B 251 -19.38 14.91 50.65
C GLN B 251 -18.22 14.02 50.19
N GLU B 252 -17.08 14.16 50.86
CA GLU B 252 -15.95 13.24 50.73
C GLU B 252 -15.39 13.24 49.30
N ILE B 253 -15.30 14.42 48.71
CA ILE B 253 -14.85 14.56 47.33
C ILE B 253 -13.32 14.66 47.28
N ARG B 254 -12.74 13.97 46.30
CA ARG B 254 -11.35 14.15 45.90
C ARG B 254 -11.30 14.68 44.48
N ASN B 255 -10.40 15.64 44.26
CA ASN B 255 -10.25 16.27 42.95
C ASN B 255 -8.92 15.85 42.34
N TYR B 256 -8.95 15.51 41.06
CA TYR B 256 -7.75 15.16 40.31
C TYR B 256 -7.66 16.07 39.10
N ASP B 257 -6.60 16.87 39.04
CA ASP B 257 -6.42 17.86 37.99
C ASP B 257 -5.73 17.28 36.77
N ILE B 258 -6.16 17.72 35.59
CA ILE B 258 -5.49 17.37 34.36
C ILE B 258 -4.11 18.01 34.33
N VAL B 259 -3.16 17.33 33.70
CA VAL B 259 -1.87 17.93 33.34
C VAL B 259 -1.85 18.07 31.83
N ILE B 260 -1.81 19.32 31.37
CA ILE B 260 -1.66 19.64 29.96
C ILE B 260 -0.22 20.03 29.69
N LYS B 261 0.33 19.57 28.57
CA LYS B 261 1.71 19.82 28.18
C LYS B 261 1.71 20.40 26.78
N ASP B 262 1.94 21.72 26.68
CA ASP B 262 2.05 22.42 25.40
C ASP B 262 0.69 22.65 24.76
N LYS B 263 0.61 22.41 23.45
CA LYS B 263 -0.59 22.71 22.66
C LYS B 263 -1.68 21.68 22.91
N PHE B 264 -2.85 22.15 23.37
CA PHE B 264 -4.03 21.35 23.59
C PHE B 264 -5.22 22.27 23.87
N PRO B 265 -5.89 22.77 22.82
CA PRO B 265 -7.09 23.59 23.03
C PRO B 265 -8.04 22.97 24.05
N GLU B 266 -8.69 23.84 24.84
CA GLU B 266 -9.58 23.33 25.88
C GLU B 266 -10.81 22.66 25.30
N SER B 267 -11.29 23.13 24.14
CA SER B 267 -12.42 22.52 23.46
C SER B 267 -12.06 21.25 22.71
N SER B 268 -10.77 20.90 22.65
CA SER B 268 -10.33 19.63 22.07
C SER B 268 -9.89 18.60 23.10
N ILE B 269 -9.90 18.94 24.38
CA ILE B 269 -9.45 17.98 25.40
C ILE B 269 -10.46 16.84 25.48
N PRO B 270 -10.04 15.57 25.37
CA PRO B 270 -11.02 14.47 25.43
C PRO B 270 -11.47 14.10 26.83
N CYS B 271 -10.80 14.58 27.88
CA CYS B 271 -11.08 14.13 29.23
C CYS B 271 -11.54 15.31 30.08
N ASP B 272 -11.79 15.03 31.36
CA ASP B 272 -12.16 16.08 32.30
C ASP B 272 -10.94 16.94 32.65
N LEU B 273 -11.15 18.26 32.72
CA LEU B 273 -10.10 19.14 33.21
C LEU B 273 -9.87 18.92 34.71
N HIS B 274 -10.96 18.86 35.49
CA HIS B 274 -10.90 18.67 36.94
C HIS B 274 -11.83 17.51 37.28
N LEU B 275 -11.28 16.30 37.33
CA LEU B 275 -12.09 15.11 37.59
C LEU B 275 -12.42 15.06 39.08
N LYS B 276 -13.72 15.11 39.40
CA LYS B 276 -14.19 15.13 40.77
C LYS B 276 -14.97 13.84 41.04
N LEU B 277 -14.57 13.11 42.08
CA LEU B 277 -15.08 11.77 42.32
C LEU B 277 -15.26 11.54 43.81
N ARG B 278 -16.07 10.53 44.13
CA ARG B 278 -16.20 10.02 45.48
C ARG B 278 -16.51 8.54 45.38
N VAL B 279 -16.28 7.82 46.50
CA VAL B 279 -16.71 6.43 46.56
C VAL B 279 -18.22 6.36 46.35
N GLY B 280 -18.65 5.41 45.52
CA GLY B 280 -20.04 5.31 45.13
C GLY B 280 -20.43 6.06 43.88
N ALA B 281 -19.52 6.85 43.30
CA ALA B 281 -19.87 7.63 42.12
C ALA B 281 -20.02 6.73 40.90
N ARG B 282 -21.08 6.97 40.14
CA ARG B 282 -21.33 6.30 38.86
C ARG B 282 -20.43 6.92 37.79
N VAL B 283 -19.60 6.09 37.16
CA VAL B 283 -18.61 6.59 36.21
C VAL B 283 -18.63 5.73 34.95
N MET B 284 -17.99 6.25 33.91
CA MET B 284 -17.83 5.58 32.63
C MET B 284 -16.36 5.65 32.21
N SER B 285 -15.84 4.55 31.66
CA SER B 285 -14.52 4.60 31.06
C SER B 285 -14.55 5.33 29.73
N LEU B 286 -13.51 6.14 29.48
CA LEU B 286 -13.40 6.92 28.26
C LEU B 286 -12.52 6.31 27.17
N VAL B 287 -11.74 5.28 27.49
CA VAL B 287 -10.75 4.73 26.58
C VAL B 287 -10.81 3.21 26.63
N ASN B 288 -10.17 2.58 25.64
CA ASN B 288 -10.08 1.14 25.54
C ASN B 288 -8.72 0.73 26.06
N ASP B 289 -8.69 -0.30 26.89
CA ASP B 289 -7.41 -0.91 27.28
C ASP B 289 -7.67 -2.41 27.50
N SER B 290 -7.56 -3.18 26.41
CA SER B 290 -7.93 -4.59 26.45
C SER B 290 -7.03 -5.36 27.42
N LEU B 291 -5.79 -4.92 27.57
CA LEU B 291 -4.87 -5.54 28.54
C LEU B 291 -5.42 -5.47 29.96
N LYS B 292 -6.01 -4.33 30.35
CA LYS B 292 -6.55 -4.17 31.68
C LYS B 292 -8.01 -4.59 31.80
N GLY B 293 -8.63 -5.04 30.70
CA GLY B 293 -9.99 -5.52 30.73
C GLY B 293 -11.09 -4.47 30.69
N TYR B 294 -10.77 -3.22 30.34
CA TYR B 294 -11.79 -2.19 30.24
C TYR B 294 -11.72 -1.53 28.87
N TYR B 295 -12.85 -0.94 28.48
CA TYR B 295 -13.08 -0.50 27.11
C TYR B 295 -13.93 0.76 27.17
N ASN B 296 -13.86 1.55 26.10
CA ASN B 296 -14.63 2.79 26.04
C ASN B 296 -16.12 2.52 26.20
N GLY B 297 -16.73 3.18 27.17
CA GLY B 297 -18.15 3.08 27.42
C GLY B 297 -18.54 2.11 28.51
N MET B 298 -17.58 1.36 29.05
CA MET B 298 -17.90 0.43 30.13
C MET B 298 -18.19 1.18 31.41
N LEU B 299 -19.23 0.73 32.12
CA LEU B 299 -19.78 1.43 33.27
C LEU B 299 -19.41 0.70 34.56
N GLY B 300 -19.16 1.47 35.62
CA GLY B 300 -18.91 0.88 36.92
C GLY B 300 -19.15 1.86 38.03
N ILE B 301 -18.72 1.47 39.24
CA ILE B 301 -18.89 2.26 40.45
C ILE B 301 -17.54 2.41 41.14
N VAL B 302 -17.17 3.66 41.47
CA VAL B 302 -15.91 3.89 42.17
C VAL B 302 -15.98 3.24 43.55
N THR B 303 -14.98 2.40 43.85
CA THR B 303 -14.86 1.80 45.17
C THR B 303 -13.71 2.32 46.02
N ALA B 304 -12.68 2.93 45.42
CA ALA B 304 -11.62 3.54 46.21
C ALA B 304 -10.93 4.62 45.40
N LEU B 305 -10.45 5.64 46.10
CA LEU B 305 -9.68 6.74 45.53
C LEU B 305 -8.34 6.85 46.25
N GLU B 306 -7.25 6.87 45.47
CA GLU B 306 -5.90 7.03 46.00
C GLU B 306 -5.20 8.17 45.27
N ASP B 307 -3.94 8.39 45.63
CA ASP B 307 -3.16 9.47 45.01
C ASP B 307 -3.04 9.29 43.51
N ASN B 308 -2.74 8.07 43.06
CA ASN B 308 -2.38 7.82 41.67
C ASN B 308 -3.20 6.69 41.07
N VAL B 309 -4.21 6.20 41.77
CA VAL B 309 -5.00 5.05 41.35
C VAL B 309 -6.44 5.29 41.79
N ILE B 310 -7.38 5.04 40.89
CA ILE B 310 -8.81 5.06 41.19
C ILE B 310 -9.34 3.67 40.95
N THR B 311 -9.98 3.09 41.98
CA THR B 311 -10.49 1.74 41.90
C THR B 311 -11.99 1.77 41.61
N VAL B 312 -12.39 1.02 40.57
CA VAL B 312 -13.77 1.00 40.11
C VAL B 312 -14.19 -0.46 39.95
N ARG B 313 -15.32 -0.83 40.56
CA ARG B 313 -15.93 -2.12 40.29
C ARG B 313 -16.87 -2.00 39.10
N MET B 314 -16.48 -2.63 37.99
CA MET B 314 -17.27 -2.56 36.77
C MET B 314 -18.55 -3.36 36.91
N ASP B 315 -19.55 -2.98 36.10
CA ASP B 315 -20.81 -3.72 36.04
C ASP B 315 -20.59 -5.20 35.78
N ASN B 316 -19.56 -5.58 35.03
CA ASN B 316 -19.30 -6.98 34.73
C ASN B 316 -18.62 -7.75 35.86
N GLY B 317 -18.50 -7.14 37.05
CA GLY B 317 -17.92 -7.79 38.20
C GLY B 317 -16.42 -7.59 38.40
N ARG B 318 -15.70 -7.21 37.35
CA ARG B 318 -14.27 -6.95 37.49
C ARG B 318 -14.00 -5.70 38.31
N THR B 319 -12.98 -5.76 39.16
CA THR B 319 -12.45 -4.60 39.84
C THR B 319 -11.20 -4.16 39.10
N ILE B 320 -11.15 -2.88 38.74
CA ILE B 320 -10.06 -2.32 37.95
C ILE B 320 -9.39 -1.17 38.69
N LYS B 321 -8.06 -1.12 38.60
CA LYS B 321 -7.26 -0.05 39.16
C LYS B 321 -6.85 0.84 38.00
N PHE B 322 -7.47 2.02 37.89
CA PHE B 322 -7.20 2.94 36.80
C PHE B 322 -6.03 3.84 37.13
N GLU B 323 -5.07 3.93 36.21
CA GLU B 323 -4.03 4.94 36.25
C GLU B 323 -4.28 5.99 35.19
N ARG B 324 -3.49 7.05 35.23
CA ARG B 324 -3.61 8.13 34.26
C ARG B 324 -3.24 7.67 32.84
N TYR B 325 -3.87 8.30 31.86
CA TYR B 325 -3.68 7.98 30.45
C TYR B 325 -3.19 9.25 29.75
N THR B 326 -2.41 9.07 28.68
CA THR B 326 -1.84 10.20 27.94
C THR B 326 -2.34 10.20 26.50
N TRP B 327 -3.05 11.28 26.14
CA TRP B 327 -3.48 11.53 24.78
C TRP B 327 -2.42 12.35 24.05
N SER B 328 -2.37 12.18 22.73
CA SER B 328 -1.50 12.98 21.87
C SER B 328 -2.35 13.89 20.99
N ASN B 329 -1.88 15.13 20.82
CA ASN B 329 -2.41 16.05 19.83
C ASN B 329 -1.37 16.26 18.74
N THR B 330 -1.73 15.92 17.51
CA THR B 330 -0.76 15.80 16.42
C THR B 330 -1.05 16.78 15.29
N GLU B 342 5.33 15.18 14.94
CA GLU B 342 4.11 15.97 14.85
C GLU B 342 3.41 16.02 16.20
N GLU B 343 4.12 15.58 17.24
CA GLU B 343 3.58 15.56 18.61
C GLU B 343 3.84 16.91 19.26
N ILE B 344 2.93 17.86 19.01
CA ILE B 344 3.09 19.21 19.52
C ILE B 344 2.79 19.25 21.02
N GLY B 345 1.69 18.64 21.45
CA GLY B 345 1.29 18.72 22.84
C GLY B 345 0.57 17.46 23.29
N SER B 346 0.50 17.30 24.61
CA SER B 346 -0.08 16.10 25.21
C SER B 346 -0.81 16.49 26.49
N CYS B 347 -1.67 15.58 26.96
CA CYS B 347 -2.41 15.76 28.20
C CYS B 347 -2.51 14.42 28.92
N THR B 348 -2.45 14.45 30.25
CA THR B 348 -2.42 13.25 31.06
C THR B 348 -3.50 13.35 32.13
N GLN B 349 -4.29 12.28 32.29
CA GLN B 349 -5.47 12.29 33.16
C GLN B 349 -6.04 10.89 33.26
N PHE B 350 -6.71 10.61 34.38
CA PHE B 350 -7.42 9.35 34.53
C PHE B 350 -8.51 9.24 33.47
N PRO B 351 -8.65 8.09 32.82
CA PRO B 351 -9.63 7.95 31.73
C PRO B 351 -11.03 7.62 32.24
N LEU B 352 -11.55 8.48 33.10
CA LEU B 352 -12.85 8.28 33.74
C LEU B 352 -13.63 9.58 33.72
N THR B 353 -14.95 9.47 33.70
CA THR B 353 -15.83 10.63 33.78
C THR B 353 -17.13 10.20 34.44
N LEU B 354 -17.80 11.16 35.09
CA LEU B 354 -19.04 10.84 35.76
C LEU B 354 -20.06 10.40 34.72
N ALA B 355 -21.04 9.60 35.14
CA ALA B 355 -21.90 8.97 34.14
C ALA B 355 -23.28 8.61 34.68
N TRP B 356 -23.77 9.31 35.70
CA TRP B 356 -25.19 9.21 35.99
C TRP B 356 -26.00 9.66 34.77
N ALA B 357 -25.64 10.83 34.23
CA ALA B 357 -26.23 11.38 33.02
C ALA B 357 -25.34 11.07 31.83
N ILE B 358 -25.96 10.87 30.66
CA ILE B 358 -25.25 10.59 29.42
C ILE B 358 -26.00 11.29 28.30
N THR B 359 -25.32 11.50 27.18
CA THR B 359 -26.02 12.07 26.05
C THR B 359 -26.94 11.04 25.41
N ILE B 360 -27.93 11.53 24.65
CA ILE B 360 -28.79 10.63 23.88
C ILE B 360 -27.97 9.88 22.84
N HIS B 361 -26.96 10.54 22.25
CA HIS B 361 -26.10 9.87 21.29
C HIS B 361 -25.41 8.65 21.90
N LYS B 362 -24.95 8.76 23.14
CA LYS B 362 -24.34 7.62 23.81
C LYS B 362 -25.36 6.57 24.24
N SER B 363 -26.62 6.96 24.44
CA SER B 363 -27.64 6.02 24.87
C SER B 363 -28.12 5.10 23.76
N GLN B 364 -27.90 5.45 22.50
CA GLN B 364 -28.46 4.69 21.39
C GLN B 364 -27.93 3.26 21.39
N GLY B 365 -28.83 2.29 21.46
CA GLY B 365 -28.48 0.89 21.58
C GLY B 365 -28.81 0.26 22.92
N LEU B 366 -28.94 1.05 23.98
CA LEU B 366 -29.15 0.50 25.31
C LEU B 366 -30.64 0.42 25.66
N THR B 367 -30.94 -0.43 26.63
CA THR B 367 -32.29 -0.60 27.15
C THR B 367 -32.28 -0.32 28.65
N PHE B 368 -33.34 0.34 29.12
CA PHE B 368 -33.48 0.68 30.53
C PHE B 368 -34.92 0.44 30.97
N ASP B 369 -35.10 0.23 32.27
CA ASP B 369 -36.45 0.16 32.82
C ASP B 369 -36.98 1.52 33.23
N LYS B 370 -36.12 2.43 33.68
CA LYS B 370 -36.55 3.72 34.20
C LYS B 370 -35.55 4.80 33.79
N ILE B 371 -36.04 5.86 33.16
CA ILE B 371 -35.19 6.93 32.63
C ILE B 371 -35.85 8.28 32.88
N ILE B 372 -35.02 9.30 33.02
CA ILE B 372 -35.43 10.70 33.01
C ILE B 372 -34.76 11.36 31.81
N ILE B 373 -35.56 11.85 30.86
CA ILE B 373 -35.03 12.45 29.64
C ILE B 373 -35.12 13.96 29.70
N HIS B 374 -34.07 14.63 29.21
CA HIS B 374 -33.98 16.09 29.16
C HIS B 374 -33.93 16.48 27.68
N VAL B 375 -35.09 16.76 27.11
CA VAL B 375 -35.21 17.01 25.67
C VAL B 375 -35.87 18.35 25.39
N SER B 376 -35.87 19.27 26.36
CA SER B 376 -36.44 20.60 26.14
C SER B 376 -35.81 21.33 24.97
N HIS B 377 -34.56 21.03 24.62
CA HIS B 377 -33.96 21.57 23.39
C HIS B 377 -33.35 20.40 22.60
N THR B 378 -34.04 19.97 21.54
CA THR B 378 -33.52 18.99 20.60
C THR B 378 -33.06 19.65 19.30
N PHE B 379 -32.04 19.04 18.67
CA PHE B 379 -31.43 19.63 17.50
C PHE B 379 -31.01 18.61 16.44
N CYS B 380 -31.22 17.30 16.67
CA CYS B 380 -30.95 16.27 15.67
C CYS B 380 -32.22 15.51 15.30
N PRO B 381 -32.38 15.15 14.03
CA PRO B 381 -33.40 14.15 13.68
C PRO B 381 -33.22 12.88 14.50
N GLY B 382 -34.34 12.30 14.94
CA GLY B 382 -34.31 11.05 15.65
C GLY B 382 -33.96 11.15 17.13
N GLN B 383 -33.56 12.33 17.60
CA GLN B 383 -33.07 12.45 18.98
C GLN B 383 -34.19 12.20 19.98
N LEU B 384 -35.34 12.85 19.80
CA LEU B 384 -36.48 12.59 20.67
C LEU B 384 -36.91 11.13 20.61
N TYR B 385 -36.96 10.57 19.40
CA TYR B 385 -37.38 9.19 19.24
C TYR B 385 -36.46 8.23 19.99
N VAL B 386 -35.14 8.42 19.88
CA VAL B 386 -34.19 7.57 20.59
C VAL B 386 -34.40 7.66 22.10
N ALA B 387 -34.59 8.88 22.60
CA ALA B 387 -34.73 9.09 24.05
C ALA B 387 -35.92 8.32 24.60
N LEU B 388 -37.08 8.46 23.98
CA LEU B 388 -38.29 7.78 24.46
C LEU B 388 -38.18 6.27 24.33
N SER B 389 -37.53 5.79 23.26
CA SER B 389 -37.53 4.37 22.93
C SER B 389 -36.50 3.56 23.73
N ARG B 390 -35.76 4.18 24.64
CA ARG B 390 -34.84 3.42 25.49
C ARG B 390 -35.57 2.59 26.53
N CYS B 391 -36.81 2.94 26.86
CA CYS B 391 -37.49 2.45 28.06
C CYS B 391 -38.46 1.33 27.70
N ARG B 392 -38.49 0.31 28.56
CA ARG B 392 -39.35 -0.85 28.30
C ARG B 392 -40.83 -0.51 28.46
N THR B 393 -41.17 0.45 29.32
CA THR B 393 -42.56 0.81 29.55
C THR B 393 -42.75 2.32 29.52
N LEU B 394 -43.99 2.73 29.26
CA LEU B 394 -44.34 4.15 29.27
C LEU B 394 -44.18 4.75 30.66
N GLU B 395 -44.63 4.03 31.70
CA GLU B 395 -44.58 4.55 33.05
C GLU B 395 -43.17 4.82 33.54
N GLY B 396 -42.17 4.14 32.98
CA GLY B 396 -40.81 4.38 33.39
C GLY B 396 -40.13 5.63 32.88
N ILE B 397 -40.79 6.45 32.05
CA ILE B 397 -40.18 7.66 31.52
C ILE B 397 -40.67 8.85 32.34
N VAL B 398 -39.74 9.68 32.78
CA VAL B 398 -40.04 11.03 33.27
C VAL B 398 -39.40 12.05 32.34
N SER B 399 -40.08 13.16 32.12
CA SER B 399 -39.57 14.21 31.23
C SER B 399 -39.54 15.52 31.98
N ASP B 400 -38.59 16.39 31.61
CA ASP B 400 -38.57 17.76 32.10
C ASP B 400 -39.50 18.70 31.34
N ALA B 401 -40.07 18.26 30.22
CA ALA B 401 -40.83 19.14 29.36
C ALA B 401 -41.94 18.37 28.66
N PHE B 402 -43.02 19.07 28.32
CA PHE B 402 -44.05 18.48 27.47
C PHE B 402 -43.47 18.12 26.11
N ILE B 403 -43.92 17.00 25.56
CA ILE B 403 -43.45 16.50 24.28
C ILE B 403 -44.25 17.18 23.18
N THR B 404 -43.55 17.87 22.27
CA THR B 404 -44.21 18.63 21.22
C THR B 404 -43.64 18.23 19.86
N LYS B 405 -44.40 18.55 18.82
CA LYS B 405 -43.93 18.35 17.44
C LYS B 405 -42.66 19.14 17.12
N GLN B 406 -42.42 20.27 17.80
CA GLN B 406 -41.19 21.01 17.56
C GLN B 406 -39.93 20.26 17.95
N MET B 407 -40.03 19.21 18.75
CA MET B 407 -38.85 18.43 19.06
C MET B 407 -38.44 17.48 17.94
N ILE B 408 -39.29 17.31 16.94
CA ILE B 408 -39.08 16.37 15.85
C ILE B 408 -38.51 17.12 14.65
N ILE B 409 -37.43 16.61 14.09
CA ILE B 409 -36.76 17.29 12.98
C ILE B 409 -36.69 16.32 11.81
N PRO B 410 -37.49 16.53 10.77
CA PRO B 410 -37.52 15.57 9.66
C PRO B 410 -36.26 15.69 8.81
N GLU B 411 -35.83 14.54 8.27
CA GLU B 411 -34.74 14.46 7.31
C GLU B 411 -35.31 13.79 6.07
N TYR B 412 -35.75 14.62 5.10
CA TYR B 412 -36.48 14.10 3.95
C TYR B 412 -35.61 13.28 3.01
N ALA B 413 -34.28 13.42 3.10
CA ALA B 413 -33.39 12.55 2.33
C ALA B 413 -33.54 11.08 2.71
N LEU B 414 -34.04 10.79 3.90
CA LEU B 414 -34.27 9.40 4.30
C LEU B 414 -35.54 8.83 3.67
N ILE B 415 -36.57 9.66 3.51
CA ILE B 415 -37.76 9.24 2.76
C ILE B 415 -37.37 8.85 1.34
N ASP B 416 -36.56 9.70 0.68
CA ASP B 416 -36.09 9.40 -0.66
C ASP B 416 -35.34 8.08 -0.72
N PHE B 417 -34.44 7.85 0.24
CA PHE B 417 -33.65 6.62 0.25
C PHE B 417 -34.54 5.39 0.36
N GLU B 418 -35.47 5.38 1.32
CA GLU B 418 -36.35 4.23 1.48
C GLU B 418 -37.23 4.02 0.26
N ARG B 419 -37.74 5.12 -0.31
CA ARG B 419 -38.51 5.01 -1.55
C ARG B 419 -37.69 4.36 -2.66
N ALA B 420 -36.40 4.71 -2.75
CA ALA B 420 -35.56 4.17 -3.82
C ALA B 420 -35.36 2.66 -3.70
N TYR B 421 -34.91 2.19 -2.53
CA TYR B 421 -34.60 0.76 -2.44
C TYR B 421 -35.86 -0.09 -2.39
N LYS B 422 -36.95 0.42 -1.77
CA LYS B 422 -38.16 -0.38 -1.67
C LYS B 422 -38.79 -0.63 -3.04
N SER B 423 -38.62 0.30 -3.97
CA SER B 423 -39.19 0.15 -5.30
C SER B 423 -38.23 -0.54 -6.26
N GLU B 424 -37.00 -0.85 -5.82
CA GLU B 424 -35.98 -1.46 -6.65
C GLU B 424 -35.47 -2.75 -6.03
N GLY B 425 -36.38 -3.56 -5.48
CA GLY B 425 -36.01 -4.88 -5.02
C GLY B 425 -35.28 -4.93 -3.70
N ASN B 426 -35.44 -3.90 -2.84
CA ASN B 426 -34.76 -3.83 -1.55
C ASN B 426 -33.25 -3.96 -1.71
N TYR B 427 -32.71 -3.19 -2.65
CA TYR B 427 -31.29 -3.16 -2.93
C TYR B 427 -30.86 -1.75 -3.30
N TYR B 428 -29.67 -1.36 -2.86
CA TYR B 428 -29.12 -0.05 -3.15
C TYR B 428 -27.67 -0.20 -3.60
N GLY B 429 -27.29 0.59 -4.59
CA GLY B 429 -25.93 0.61 -5.11
C GLY B 429 -25.80 -0.26 -6.35
N LYS B 430 -24.54 -0.51 -6.70
CA LYS B 430 -24.22 -1.26 -7.90
C LYS B 430 -24.59 -2.74 -7.74
N ARG B 431 -25.45 -3.25 -8.62
CA ARG B 431 -25.79 -4.66 -8.57
C ARG B 431 -24.69 -5.49 -9.22
N LEU B 432 -24.34 -6.60 -8.57
CA LEU B 432 -23.16 -7.36 -8.96
C LEU B 432 -23.53 -8.67 -9.65
N ASP C 3 26.27 7.12 -41.81
CA ASP C 3 26.91 8.27 -41.17
C ASP C 3 27.69 7.85 -39.94
N MET C 4 28.00 6.56 -39.84
CA MET C 4 28.76 6.00 -38.73
C MET C 4 30.25 6.10 -39.04
N ILE C 5 30.99 6.82 -38.20
CA ILE C 5 32.40 7.07 -38.44
C ILE C 5 33.22 5.88 -37.93
N LEU C 6 34.04 5.32 -38.81
CA LEU C 6 35.01 4.29 -38.44
C LEU C 6 36.33 4.98 -38.11
N THR C 7 36.69 4.98 -36.83
CA THR C 7 37.90 5.67 -36.40
C THR C 7 39.13 4.77 -36.57
N GLU C 8 40.31 5.38 -36.47
CA GLU C 8 41.54 4.61 -36.56
C GLU C 8 41.66 3.62 -35.40
N GLU C 9 41.21 4.02 -34.21
CA GLU C 9 41.21 3.07 -33.08
C GLU C 9 40.37 1.85 -33.40
N MET C 10 39.18 2.07 -33.98
CA MET C 10 38.28 0.96 -34.30
C MET C 10 38.92 0.04 -35.34
N GLN C 11 39.59 0.62 -36.34
CA GLN C 11 40.24 -0.20 -37.37
C GLN C 11 41.33 -1.07 -36.78
N LYS C 12 42.12 -0.51 -35.86
CA LYS C 12 43.20 -1.29 -35.26
C LYS C 12 42.65 -2.46 -34.48
N ILE C 13 41.49 -2.27 -33.83
CA ILE C 13 40.91 -3.33 -33.03
C ILE C 13 40.37 -4.44 -33.93
N MET C 14 39.69 -4.05 -35.01
CA MET C 14 39.29 -5.01 -36.05
C MET C 14 40.46 -5.88 -36.47
N ASN C 15 41.60 -5.24 -36.77
CA ASN C 15 42.75 -5.98 -37.28
C ASN C 15 43.37 -6.84 -36.17
N LEU C 16 43.39 -6.34 -34.94
CA LEU C 16 43.84 -7.13 -33.79
C LEU C 16 43.04 -8.41 -33.65
N ILE C 17 41.72 -8.32 -33.75
CA ILE C 17 40.84 -9.47 -33.51
C ILE C 17 41.05 -10.53 -34.58
N GLN C 18 41.38 -10.10 -35.81
CA GLN C 18 41.65 -11.00 -36.94
C GLN C 18 42.37 -12.27 -36.52
N ASP C 19 43.24 -12.18 -35.52
CA ASP C 19 44.10 -13.29 -35.10
C ASP C 19 43.38 -14.08 -34.02
N ASP C 20 42.76 -15.19 -34.42
CA ASP C 20 41.76 -15.88 -33.58
C ASP C 20 42.48 -16.74 -32.55
N GLU C 21 43.12 -16.05 -31.61
CA GLU C 21 43.97 -16.72 -30.62
C GLU C 21 44.24 -15.81 -29.42
N ASN C 22 43.76 -14.58 -29.51
CA ASN C 22 43.93 -13.61 -28.44
C ASN C 22 42.57 -12.98 -28.15
N ASN C 23 42.06 -13.22 -26.95
CA ASN C 23 40.88 -12.53 -26.47
C ASN C 23 41.18 -11.05 -26.29
N VAL C 24 40.13 -10.24 -26.34
CA VAL C 24 40.25 -8.79 -26.30
C VAL C 24 39.15 -8.23 -25.43
N PHE C 25 39.50 -7.25 -24.59
CA PHE C 25 38.56 -6.40 -23.90
C PHE C 25 38.55 -5.03 -24.59
N VAL C 26 37.42 -4.70 -25.19
CA VAL C 26 37.22 -3.38 -25.80
C VAL C 26 36.53 -2.48 -24.78
N THR C 27 37.21 -1.42 -24.35
CA THR C 27 36.68 -0.55 -23.32
C THR C 27 36.69 0.89 -23.82
N GLY C 28 36.24 1.79 -22.96
CA GLY C 28 36.15 3.20 -23.27
C GLY C 28 35.08 3.86 -22.45
N LYS C 29 35.13 5.18 -22.38
CA LYS C 29 34.21 5.93 -21.54
C LYS C 29 32.80 5.83 -22.09
N ALA C 30 31.83 6.29 -21.30
CA ALA C 30 30.44 6.31 -21.75
C ALA C 30 30.32 7.00 -23.10
N GLY C 31 29.59 6.38 -24.02
CA GLY C 31 29.26 7.03 -25.27
C GLY C 31 30.43 7.20 -26.21
N SER C 32 31.47 6.38 -26.07
CA SER C 32 32.61 6.38 -26.98
C SER C 32 32.42 5.46 -28.18
N GLY C 33 31.21 4.96 -28.41
CA GLY C 33 30.96 4.12 -29.57
C GLY C 33 31.23 2.65 -29.37
N LYS C 34 31.29 2.18 -28.12
CA LYS C 34 31.66 0.79 -27.87
C LYS C 34 30.62 -0.16 -28.43
N THR C 35 29.34 0.08 -28.11
CA THR C 35 28.29 -0.82 -28.56
C THR C 35 28.04 -0.66 -30.06
N THR C 36 28.15 0.58 -30.55
CA THR C 36 28.09 0.83 -31.99
C THR C 36 29.16 0.04 -32.73
N PHE C 37 30.38 0.00 -32.20
CA PHE C 37 31.47 -0.71 -32.86
C PHE C 37 31.27 -2.21 -32.79
N LEU C 38 30.72 -2.70 -31.67
CA LEU C 38 30.34 -4.10 -31.57
C LEU C 38 29.53 -4.54 -32.78
N LYS C 39 28.49 -3.76 -33.12
CA LYS C 39 27.64 -4.13 -34.25
C LYS C 39 28.42 -4.06 -35.56
N TYR C 40 29.36 -3.12 -35.66
CA TYR C 40 30.21 -3.03 -36.85
C TYR C 40 31.09 -4.25 -36.99
N LEU C 41 31.78 -4.61 -35.89
CA LEU C 41 32.65 -5.80 -35.91
C LEU C 41 31.91 -7.01 -36.46
N ILE C 42 30.70 -7.25 -35.98
CA ILE C 42 29.94 -8.43 -36.42
C ILE C 42 29.57 -8.31 -37.89
N GLU C 43 28.93 -7.21 -38.27
CA GLU C 43 28.57 -6.99 -39.67
C GLU C 43 29.75 -7.21 -40.62
N LYS C 44 30.94 -6.76 -40.24
CA LYS C 44 32.08 -6.86 -41.14
C LYS C 44 32.92 -8.12 -40.95
N SER C 45 32.94 -8.70 -39.75
CA SER C 45 33.67 -9.94 -39.54
C SER C 45 33.07 -11.07 -40.37
N GLY C 46 33.93 -11.99 -40.78
CA GLY C 46 33.44 -13.23 -41.36
C GLY C 46 33.14 -14.31 -40.35
N LYS C 47 33.16 -13.99 -39.06
CA LYS C 47 33.03 -15.00 -38.02
C LYS C 47 31.56 -15.19 -37.65
N ASN C 48 31.23 -16.37 -37.16
CA ASN C 48 29.94 -16.63 -36.53
C ASN C 48 29.94 -16.00 -35.14
N CYS C 49 29.10 -14.99 -34.92
CA CYS C 49 29.09 -14.26 -33.66
C CYS C 49 27.79 -14.49 -32.92
N ILE C 50 27.88 -14.59 -31.59
CA ILE C 50 26.73 -14.56 -30.69
C ILE C 50 26.90 -13.39 -29.73
N VAL C 51 25.82 -12.64 -29.51
CA VAL C 51 25.85 -11.42 -28.71
C VAL C 51 25.11 -11.69 -27.40
N ALA C 52 25.71 -11.26 -26.29
CA ALA C 52 25.05 -11.37 -24.99
C ALA C 52 25.41 -10.17 -24.13
N ALA C 53 24.65 -10.01 -23.05
CA ALA C 53 24.85 -8.93 -22.09
C ALA C 53 24.26 -9.37 -20.76
N PRO C 54 24.64 -8.73 -19.65
CA PRO C 54 24.13 -9.20 -18.35
C PRO C 54 22.69 -8.80 -18.08
N THR C 55 22.25 -7.67 -18.64
CA THR C 55 20.89 -7.21 -18.48
C THR C 55 20.09 -7.33 -19.77
N GLY C 56 18.77 -7.45 -19.63
CA GLY C 56 17.92 -7.62 -20.80
C GLY C 56 17.93 -6.41 -21.70
N ILE C 57 17.88 -5.22 -21.11
CA ILE C 57 17.92 -3.98 -21.90
C ILE C 57 19.22 -3.88 -22.68
N ALA C 58 20.35 -4.11 -22.02
CA ALA C 58 21.64 -4.03 -22.72
C ALA C 58 21.73 -5.07 -23.82
N ALA C 59 21.19 -6.26 -23.57
CA ALA C 59 21.22 -7.32 -24.58
C ALA C 59 20.46 -6.89 -25.83
N ILE C 60 19.23 -6.38 -25.65
CA ILE C 60 18.45 -5.86 -26.78
C ILE C 60 19.21 -4.75 -27.49
N ASN C 61 19.80 -3.84 -26.72
CA ASN C 61 20.56 -2.74 -27.32
C ASN C 61 21.71 -3.25 -28.18
N ALA C 62 22.33 -4.35 -27.78
CA ALA C 62 23.41 -4.93 -28.56
C ALA C 62 22.93 -5.93 -29.59
N GLY C 63 21.63 -6.24 -29.63
CA GLY C 63 21.10 -7.21 -30.56
C GLY C 63 21.18 -8.64 -30.12
N GLY C 64 21.37 -8.92 -28.84
CA GLY C 64 21.49 -10.27 -28.35
C GLY C 64 20.51 -10.56 -27.22
N VAL C 65 20.94 -11.47 -26.34
CA VAL C 65 20.12 -12.01 -25.27
C VAL C 65 20.92 -11.97 -23.98
N THR C 66 20.24 -12.15 -22.86
CA THR C 66 20.92 -12.15 -21.56
C THR C 66 21.83 -13.37 -21.46
N LEU C 67 22.93 -13.19 -20.71
CA LEU C 67 23.81 -14.31 -20.42
C LEU C 67 23.06 -15.44 -19.73
N HIS C 68 22.18 -15.11 -18.79
CA HIS C 68 21.46 -16.16 -18.06
C HIS C 68 20.60 -17.00 -19.00
N SER C 69 19.98 -16.37 -20.00
CA SER C 69 19.17 -17.10 -20.95
C SER C 69 20.02 -17.91 -21.92
N LEU C 70 21.03 -17.26 -22.52
CA LEU C 70 21.89 -17.95 -23.48
C LEU C 70 22.52 -19.20 -22.89
N PHE C 71 23.05 -19.10 -21.67
CA PHE C 71 23.82 -20.19 -21.09
C PHE C 71 23.09 -20.93 -19.97
N GLY C 72 21.81 -20.61 -19.73
CA GLY C 72 21.06 -21.35 -18.73
C GLY C 72 21.65 -21.26 -17.34
N ILE C 73 21.95 -20.05 -16.86
CA ILE C 73 22.70 -19.87 -15.62
C ILE C 73 21.73 -19.70 -14.46
N PRO C 74 21.91 -20.43 -13.36
CA PRO C 74 21.04 -20.23 -12.19
C PRO C 74 21.40 -18.96 -11.43
N PHE C 75 20.52 -18.58 -10.52
CA PHE C 75 20.76 -17.41 -9.70
C PHE C 75 21.63 -17.80 -8.51
N GLY C 76 22.32 -16.82 -7.94
CA GLY C 76 23.12 -17.08 -6.76
C GLY C 76 24.54 -17.41 -7.14
N PRO C 77 25.46 -17.33 -6.18
CA PRO C 77 26.87 -17.56 -6.52
C PRO C 77 27.10 -19.01 -6.90
N ILE C 78 28.00 -19.21 -7.87
CA ILE C 78 28.37 -20.54 -8.34
C ILE C 78 29.85 -20.73 -8.07
N THR C 79 30.18 -21.75 -7.30
CA THR C 79 31.57 -22.05 -7.01
C THR C 79 32.09 -23.09 -7.98
N PRO C 80 33.42 -23.21 -8.11
CA PRO C 80 33.96 -24.25 -9.01
C PRO C 80 33.61 -25.66 -8.60
N TYR C 81 33.05 -25.87 -7.40
CA TYR C 81 32.69 -27.19 -6.94
C TYR C 81 31.19 -27.46 -7.06
N ASP C 82 30.38 -26.43 -7.28
CA ASP C 82 28.96 -26.61 -7.56
C ASP C 82 28.78 -27.36 -8.87
N ARG C 83 27.82 -28.27 -8.88
CA ARG C 83 27.50 -29.01 -10.09
C ARG C 83 26.50 -28.22 -10.93
N LEU C 84 26.79 -28.08 -12.22
CA LEU C 84 25.94 -27.37 -13.16
C LEU C 84 25.03 -28.35 -13.87
N GLU C 85 23.75 -28.00 -13.98
CA GLU C 85 22.85 -28.73 -14.87
C GLU C 85 23.14 -28.35 -16.31
N ASN C 86 23.63 -29.31 -17.10
CA ASN C 86 23.89 -29.08 -18.52
C ASN C 86 22.70 -29.65 -19.29
N LYS C 87 21.66 -28.83 -19.44
CA LYS C 87 20.40 -29.26 -20.03
C LYS C 87 20.09 -28.47 -21.30
N PHE C 88 21.12 -28.22 -22.11
CA PHE C 88 20.90 -27.49 -23.37
C PHE C 88 20.17 -28.37 -24.37
N SER C 89 19.16 -27.80 -25.01
CA SER C 89 18.54 -28.41 -26.18
C SER C 89 19.56 -28.63 -27.29
N GLU C 90 19.19 -29.47 -28.25
CA GLU C 90 20.05 -29.67 -29.42
C GLU C 90 20.14 -28.41 -30.25
N TYR C 91 19.06 -27.62 -30.32
CA TYR C 91 19.14 -26.33 -30.98
C TYR C 91 20.20 -25.45 -30.34
N LYS C 92 20.24 -25.42 -29.00
CA LYS C 92 21.20 -24.55 -28.32
C LYS C 92 22.62 -25.09 -28.45
N VAL C 93 22.80 -26.41 -28.28
CA VAL C 93 24.12 -27.01 -28.46
C VAL C 93 24.66 -26.70 -29.86
N GLU C 94 23.81 -26.87 -30.88
CA GLU C 94 24.24 -26.62 -32.25
C GLU C 94 24.61 -25.16 -32.44
N LEU C 95 23.81 -24.25 -31.88
CA LEU C 95 24.13 -22.83 -31.96
C LEU C 95 25.47 -22.52 -31.32
N LEU C 96 25.73 -23.10 -30.15
CA LEU C 96 26.99 -22.84 -29.44
C LEU C 96 28.17 -23.49 -30.15
N LEU C 97 27.97 -24.65 -30.78
CA LEU C 97 29.02 -25.26 -31.57
C LEU C 97 29.31 -24.47 -32.84
N LYS C 98 28.26 -23.91 -33.45
CA LYS C 98 28.46 -23.11 -34.66
C LYS C 98 29.14 -21.79 -34.33
N MET C 99 28.97 -21.31 -33.10
CA MET C 99 29.52 -20.02 -32.71
C MET C 99 31.03 -20.02 -32.84
N GLU C 100 31.55 -18.92 -33.40
CA GLU C 100 32.99 -18.70 -33.48
C GLU C 100 33.46 -17.58 -32.58
N LEU C 101 32.58 -16.64 -32.24
CA LEU C 101 32.93 -15.45 -31.47
C LEU C 101 31.84 -15.21 -30.45
N LEU C 102 32.20 -15.23 -29.17
CA LEU C 102 31.27 -14.86 -28.11
C LEU C 102 31.44 -13.39 -27.77
N ILE C 103 30.37 -12.62 -27.92
CA ILE C 103 30.40 -11.18 -27.72
C ILE C 103 29.60 -10.86 -26.46
N ILE C 104 30.25 -10.22 -25.48
CA ILE C 104 29.60 -9.87 -24.23
C ILE C 104 29.67 -8.35 -24.08
N ASP C 105 28.52 -7.71 -24.01
CA ASP C 105 28.45 -6.27 -23.79
C ASP C 105 28.22 -5.99 -22.31
N GLU C 106 28.50 -4.74 -21.91
CA GLU C 106 28.40 -4.30 -20.52
C GLU C 106 29.08 -5.27 -19.57
N ILE C 107 30.33 -5.61 -19.88
CA ILE C 107 31.07 -6.61 -19.11
C ILE C 107 31.25 -6.18 -17.65
N SER C 108 31.21 -4.86 -17.38
CA SER C 108 31.43 -4.38 -16.02
C SER C 108 30.42 -4.95 -15.03
N MET C 109 29.23 -5.32 -15.48
CA MET C 109 28.22 -5.90 -14.61
C MET C 109 28.24 -7.42 -14.59
N VAL C 110 29.29 -8.05 -15.11
CA VAL C 110 29.38 -9.50 -15.16
C VAL C 110 30.26 -9.99 -14.02
N ARG C 111 29.72 -10.89 -13.21
CA ARG C 111 30.47 -11.45 -12.10
C ARG C 111 31.54 -12.41 -12.61
N PRO C 112 32.62 -12.60 -11.84
CA PRO C 112 33.65 -13.57 -12.28
C PRO C 112 33.16 -15.00 -12.29
N ASP C 113 32.31 -15.39 -11.34
CA ASP C 113 31.79 -16.76 -11.32
C ASP C 113 30.82 -17.01 -12.47
N ILE C 114 30.23 -15.95 -13.03
CA ILE C 114 29.40 -16.11 -14.22
C ILE C 114 30.26 -16.50 -15.41
N LEU C 115 31.40 -15.82 -15.58
CA LEU C 115 32.30 -16.16 -16.67
C LEU C 115 32.84 -17.58 -16.53
N ASP C 116 33.11 -18.01 -15.30
CA ASP C 116 33.61 -19.37 -15.09
C ASP C 116 32.53 -20.41 -15.40
N THR C 117 31.29 -20.12 -15.03
CA THR C 117 30.19 -21.00 -15.41
C THR C 117 30.08 -21.12 -16.93
N ILE C 118 30.22 -19.99 -17.64
CA ILE C 118 30.21 -20.01 -19.09
C ILE C 118 31.37 -20.84 -19.63
N ASP C 119 32.56 -20.63 -19.07
CA ASP C 119 33.72 -21.45 -19.43
C ASP C 119 33.41 -22.94 -19.25
N ARG C 120 32.92 -23.32 -18.07
CA ARG C 120 32.63 -24.72 -17.81
C ARG C 120 31.58 -25.26 -18.78
N LYS C 121 30.52 -24.49 -19.02
CA LYS C 121 29.46 -24.98 -19.90
C LYS C 121 29.93 -25.09 -21.34
N LEU C 122 30.76 -24.16 -21.80
CA LEU C 122 31.26 -24.25 -23.17
C LEU C 122 32.26 -25.39 -23.32
N ARG C 123 33.10 -25.62 -22.30
CA ARG C 123 34.01 -26.75 -22.37
C ARG C 123 33.26 -28.08 -22.37
N TRP C 124 32.15 -28.14 -21.66
CA TRP C 124 31.29 -29.31 -21.70
C TRP C 124 30.68 -29.50 -23.08
N VAL C 125 30.10 -28.42 -23.63
CA VAL C 125 29.50 -28.48 -24.97
C VAL C 125 30.54 -28.89 -26.00
N TYR C 126 31.74 -28.33 -25.92
CA TYR C 126 32.77 -28.62 -26.92
C TYR C 126 33.57 -29.88 -26.58
N GLU C 127 33.32 -30.49 -25.42
CA GLU C 127 34.06 -31.65 -24.93
C GLU C 127 35.57 -31.40 -24.94
N SER C 128 35.97 -30.23 -24.45
CA SER C 128 37.34 -29.74 -24.58
C SER C 128 37.84 -29.25 -23.24
N ASP C 129 39.16 -29.25 -23.07
CA ASP C 129 39.79 -28.62 -21.92
C ASP C 129 40.28 -27.22 -22.22
N GLU C 130 40.17 -26.76 -23.46
CA GLU C 130 40.58 -25.40 -23.79
C GLU C 130 39.63 -24.41 -23.14
N PRO C 131 40.13 -23.30 -22.60
CA PRO C 131 39.24 -22.31 -21.99
C PRO C 131 38.16 -21.85 -22.95
N PHE C 132 36.93 -21.76 -22.44
CA PHE C 132 35.74 -21.41 -23.22
C PHE C 132 35.49 -22.37 -24.37
N GLY C 133 35.99 -23.60 -24.28
CA GLY C 133 35.81 -24.54 -25.36
C GLY C 133 36.54 -24.18 -26.63
N GLY C 134 37.47 -23.23 -26.58
CA GLY C 134 38.17 -22.76 -27.74
C GLY C 134 37.50 -21.59 -28.44
N VAL C 135 36.31 -21.18 -27.99
CA VAL C 135 35.66 -20.02 -28.57
C VAL C 135 36.45 -18.75 -28.21
N GLN C 136 36.53 -17.82 -29.15
CA GLN C 136 37.15 -16.53 -28.91
C GLN C 136 36.16 -15.59 -28.24
N VAL C 137 36.58 -14.93 -27.18
CA VAL C 137 35.70 -14.09 -26.37
C VAL C 137 36.14 -12.64 -26.49
N VAL C 138 35.20 -11.76 -26.85
CA VAL C 138 35.43 -10.33 -26.94
C VAL C 138 34.46 -9.64 -25.98
N MET C 139 34.99 -8.93 -25.00
CA MET C 139 34.19 -8.32 -23.95
C MET C 139 34.15 -6.80 -24.13
N PHE C 140 32.95 -6.23 -23.96
CA PHE C 140 32.73 -4.80 -24.11
C PHE C 140 32.19 -4.22 -22.81
N GLY C 141 32.70 -3.06 -22.41
CA GLY C 141 32.12 -2.36 -21.29
C GLY C 141 33.11 -1.36 -20.70
N ASP C 142 32.74 -0.89 -19.51
CA ASP C 142 33.43 0.22 -18.85
C ASP C 142 33.41 -0.09 -17.36
N LEU C 143 34.57 -0.46 -16.80
CA LEU C 143 34.62 -0.82 -15.39
C LEU C 143 34.30 0.35 -14.47
N PHE C 144 34.34 1.59 -14.97
CA PHE C 144 34.00 2.74 -14.16
C PHE C 144 32.52 3.09 -14.24
N GLN C 145 31.71 2.23 -14.84
CA GLN C 145 30.26 2.33 -14.73
C GLN C 145 29.81 1.39 -13.62
N LEU C 146 28.61 0.83 -13.72
CA LEU C 146 28.13 0.12 -12.54
C LEU C 146 28.85 -1.23 -12.40
N PRO C 147 29.17 -1.65 -11.17
CA PRO C 147 29.73 -2.98 -10.98
C PRO C 147 28.64 -4.03 -10.91
N PRO C 148 28.99 -5.32 -10.84
CA PRO C 148 27.94 -6.34 -10.74
C PRO C 148 27.18 -6.23 -9.43
N VAL C 149 25.91 -6.62 -9.46
CA VAL C 149 25.13 -6.63 -8.24
C VAL C 149 25.49 -7.87 -7.44
N THR C 150 25.98 -7.68 -6.21
CA THR C 150 26.24 -8.79 -5.30
C THR C 150 25.80 -8.40 -3.89
N LYS C 151 25.20 -9.34 -3.17
CA LYS C 151 24.97 -9.12 -1.75
C LYS C 151 26.18 -9.58 -0.94
N LYS C 152 26.29 -9.08 0.29
CA LYS C 152 27.43 -9.41 1.13
C LYS C 152 27.58 -10.91 1.33
N GLN C 153 26.45 -11.62 1.54
CA GLN C 153 26.52 -13.06 1.74
C GLN C 153 27.04 -13.79 0.51
N GLU C 154 26.63 -13.36 -0.69
CA GLU C 154 27.13 -14.02 -1.89
C GLU C 154 28.63 -13.80 -2.03
N ARG C 155 29.08 -12.57 -1.75
CA ARG C 155 30.49 -12.24 -1.77
C ARG C 155 31.29 -13.08 -0.77
N GLU C 156 30.69 -13.36 0.39
CA GLU C 156 31.36 -14.16 1.41
C GLU C 156 31.63 -15.58 0.92
N ILE C 157 30.63 -16.21 0.31
CA ILE C 157 30.85 -17.54 -0.26
C ILE C 157 31.96 -17.50 -1.31
N LEU C 158 31.89 -16.51 -2.21
CA LEU C 158 32.81 -16.45 -3.33
C LEU C 158 34.22 -16.09 -2.89
N SER C 159 34.36 -15.34 -1.79
CA SER C 159 35.65 -14.85 -1.32
C SER C 159 36.63 -15.98 -0.99
N ASP C 160 36.14 -17.19 -0.76
CA ASP C 160 37.05 -18.33 -0.57
C ASP C 160 37.81 -18.69 -1.83
N PHE C 161 37.30 -18.31 -3.00
CA PHE C 161 37.92 -18.68 -4.28
C PHE C 161 38.38 -17.49 -5.12
N TYR C 162 37.86 -16.29 -4.88
CA TYR C 162 38.08 -15.15 -5.75
C TYR C 162 38.75 -14.02 -4.99
N ASP C 163 39.74 -13.40 -5.63
CA ASP C 163 40.42 -12.23 -5.10
C ASP C 163 39.64 -10.94 -5.29
N GLY C 164 38.55 -10.97 -6.04
CA GLY C 164 37.68 -9.81 -6.15
C GLY C 164 36.42 -10.19 -6.88
N PHE C 165 35.55 -9.20 -7.07
CA PHE C 165 34.20 -9.47 -7.55
C PHE C 165 33.91 -8.80 -8.89
N PHE C 166 34.93 -8.64 -9.72
CA PHE C 166 34.79 -8.14 -11.08
C PHE C 166 35.11 -9.26 -12.06
N PHE C 167 34.71 -9.06 -13.32
CA PHE C 167 34.82 -10.12 -14.31
C PHE C 167 36.26 -10.61 -14.45
N PHE C 168 37.23 -9.70 -14.35
CA PHE C 168 38.62 -10.10 -14.57
C PHE C 168 39.18 -10.95 -13.44
N ASN C 169 38.46 -11.07 -12.32
CA ASN C 169 38.83 -11.99 -11.25
C ASN C 169 38.45 -13.44 -11.54
N ALA C 170 37.85 -13.72 -12.70
CA ALA C 170 37.44 -15.09 -12.98
C ALA C 170 38.65 -16.01 -13.04
N LEU C 171 38.47 -17.25 -12.56
CA LEU C 171 39.55 -18.20 -12.50
C LEU C 171 40.03 -18.63 -13.88
N VAL C 172 39.19 -18.50 -14.91
CA VAL C 172 39.62 -18.85 -16.27
C VAL C 172 40.78 -18.00 -16.73
N PHE C 173 40.96 -16.81 -16.15
CA PHE C 173 42.05 -15.94 -16.55
C PHE C 173 43.36 -16.26 -15.84
N LYS C 174 43.44 -17.40 -15.15
CA LYS C 174 44.71 -18.03 -14.84
C LYS C 174 45.18 -18.96 -15.94
N ARG C 175 44.29 -19.36 -16.85
CA ARG C 175 44.64 -20.23 -17.96
C ARG C 175 44.60 -19.52 -19.30
N THR C 176 44.00 -18.34 -19.36
CA THR C 176 43.96 -17.53 -20.58
C THR C 176 43.98 -16.07 -20.18
N GLY C 177 43.94 -15.19 -21.17
CA GLY C 177 43.94 -13.77 -20.89
C GLY C 177 43.32 -12.99 -22.03
N PHE C 178 43.52 -11.68 -21.98
CA PHE C 178 42.92 -10.82 -23.00
C PHE C 178 43.73 -9.53 -23.11
N HIS C 179 43.79 -8.99 -24.33
CA HIS C 179 44.22 -7.63 -24.55
C HIS C 179 43.17 -6.64 -24.07
N ILE C 180 43.63 -5.46 -23.64
CA ILE C 180 42.75 -4.33 -23.38
C ILE C 180 43.05 -3.23 -24.40
N VAL C 181 42.00 -2.81 -25.12
CA VAL C 181 42.07 -1.67 -26.04
C VAL C 181 40.99 -0.68 -25.63
N GLU C 182 41.14 0.56 -26.06
CA GLU C 182 40.22 1.60 -25.62
C GLU C 182 39.86 2.53 -26.77
N LEU C 183 38.63 3.03 -26.72
CA LEU C 183 38.13 4.07 -27.61
C LEU C 183 38.09 5.38 -26.83
N THR C 184 38.77 6.40 -27.32
CA THR C 184 38.99 7.59 -26.51
C THR C 184 38.30 8.85 -27.06
N LYS C 185 37.47 8.71 -28.08
CA LYS C 185 36.72 9.82 -28.64
C LYS C 185 35.26 9.69 -28.24
N ILE C 186 34.71 10.71 -27.62
CA ILE C 186 33.30 10.68 -27.21
C ILE C 186 32.44 11.09 -28.39
N PHE C 187 31.38 10.33 -28.64
CA PHE C 187 30.41 10.65 -29.69
C PHE C 187 29.06 11.09 -29.17
N ARG C 188 28.59 10.50 -28.06
CA ARG C 188 27.23 10.76 -27.59
C ARG C 188 27.04 12.24 -27.23
N GLN C 189 27.96 12.79 -26.47
CA GLN C 189 27.96 14.21 -26.16
C GLN C 189 28.88 14.95 -27.12
N THR C 190 28.60 16.25 -27.28
CA THR C 190 29.41 17.11 -28.13
C THR C 190 29.95 18.34 -27.42
N GLU C 191 29.48 18.65 -26.22
CA GLU C 191 29.92 19.84 -25.50
C GLU C 191 31.20 19.51 -24.72
N PRO C 192 32.33 20.15 -25.04
CA PRO C 192 33.60 19.77 -24.39
C PRO C 192 33.60 19.95 -22.89
N GLU C 193 32.93 20.99 -22.37
CA GLU C 193 32.93 21.20 -20.92
C GLU C 193 32.01 20.21 -20.20
N PHE C 194 30.88 19.87 -20.83
CA PHE C 194 30.03 18.81 -20.27
C PHE C 194 30.79 17.48 -20.22
N ILE C 195 31.46 17.13 -21.32
CA ILE C 195 32.28 15.91 -21.35
C ILE C 195 33.33 15.93 -20.24
N ASN C 196 33.99 17.07 -20.03
CA ASN C 196 35.05 17.14 -19.03
C ASN C 196 34.51 16.84 -17.64
N VAL C 197 33.30 17.31 -17.32
CA VAL C 197 32.75 17.03 -16.00
C VAL C 197 32.34 15.56 -15.90
N LEU C 198 31.70 15.03 -16.95
CA LEU C 198 31.45 13.59 -17.00
C LEU C 198 32.71 12.80 -16.74
N ASN C 199 33.79 13.12 -17.47
CA ASN C 199 35.03 12.35 -17.36
C ASN C 199 35.63 12.44 -15.95
N ASN C 200 35.52 13.62 -15.31
CA ASN C 200 36.15 13.79 -14.01
C ASN C 200 35.30 13.22 -12.89
N ILE C 201 33.97 13.16 -13.07
CA ILE C 201 33.12 12.34 -12.21
C ILE C 201 33.50 10.88 -12.34
N ARG C 202 33.63 10.41 -13.59
CA ARG C 202 33.94 9.01 -13.86
C ARG C 202 35.20 8.54 -13.14
N ASN C 203 36.26 9.34 -13.14
CA ASN C 203 37.54 8.92 -12.59
C ASN C 203 37.80 9.44 -11.18
N TYR C 204 36.78 10.00 -10.52
CA TYR C 204 36.84 10.41 -9.12
C TYR C 204 37.67 11.66 -8.88
N GLN C 205 37.86 12.50 -9.90
CA GLN C 205 38.71 13.67 -9.74
C GLN C 205 37.99 14.97 -10.12
N VAL C 206 36.66 14.99 -10.09
CA VAL C 206 35.92 16.21 -10.33
C VAL C 206 36.08 17.13 -9.13
N THR C 207 36.09 18.44 -9.39
CA THR C 207 36.16 19.42 -8.32
C THR C 207 34.80 20.08 -8.12
N SER C 208 34.66 20.74 -6.96
CA SER C 208 33.47 21.54 -6.69
C SER C 208 33.21 22.55 -7.79
N ASP C 209 34.26 23.24 -8.25
CA ASP C 209 34.07 24.24 -9.30
C ASP C 209 33.57 23.60 -10.59
N GLU C 210 34.07 22.40 -10.91
CA GLU C 210 33.58 21.75 -12.12
C GLU C 210 32.12 21.34 -11.94
N LEU C 211 31.77 20.84 -10.75
CA LEU C 211 30.38 20.46 -10.49
C LEU C 211 29.45 21.66 -10.53
N ASP C 212 29.97 22.87 -10.35
CA ASP C 212 29.15 24.06 -10.47
C ASP C 212 28.51 24.18 -11.84
N LEU C 213 29.11 23.55 -12.87
CA LEU C 213 28.50 23.56 -14.19
C LEU C 213 27.13 22.92 -14.17
N LEU C 214 26.89 22.02 -13.21
CA LEU C 214 25.68 21.22 -13.17
C LEU C 214 24.64 21.84 -12.25
N SER C 215 24.91 23.04 -11.73
CA SER C 215 24.00 23.67 -10.78
C SER C 215 22.62 23.86 -11.36
N GLU C 216 22.55 24.16 -12.67
CA GLU C 216 21.29 24.43 -13.35
C GLU C 216 20.42 23.20 -13.51
N LEU C 217 20.89 22.01 -13.11
CA LEU C 217 20.10 20.81 -13.31
C LEU C 217 18.93 20.76 -12.34
N LYS C 218 19.12 21.22 -11.11
CA LYS C 218 18.16 20.96 -10.05
C LYS C 218 16.89 21.77 -10.28
N ASP C 219 15.76 21.08 -10.33
CA ASP C 219 14.43 21.68 -10.50
C ASP C 219 14.35 22.55 -11.75
N ARG C 220 15.11 22.18 -12.79
CA ARG C 220 15.14 22.95 -14.03
C ARG C 220 13.73 23.13 -14.58
N LYS C 221 13.41 24.36 -14.99
CA LYS C 221 12.12 24.64 -15.60
C LYS C 221 12.03 24.00 -16.98
N ILE C 222 11.02 23.16 -17.18
CA ILE C 222 10.55 22.82 -18.51
C ILE C 222 9.02 22.69 -18.50
N ASN C 228 5.72 14.07 -21.59
CA ASN C 228 6.11 12.67 -21.50
C ASN C 228 7.40 12.41 -22.28
N GLU C 229 8.00 13.49 -22.78
CA GLU C 229 9.24 13.38 -23.55
C GLU C 229 10.44 13.11 -22.64
N TYR C 230 10.40 13.60 -21.41
CA TYR C 230 11.49 13.38 -20.45
C TYR C 230 11.36 12.00 -19.82
N ILE C 231 12.45 11.24 -19.87
CA ILE C 231 12.52 9.91 -19.28
C ILE C 231 13.00 10.04 -17.83
N HIS C 232 12.28 9.39 -16.92
CA HIS C 232 12.67 9.36 -15.52
C HIS C 232 13.58 8.17 -15.27
N ILE C 233 14.74 8.44 -14.67
CA ILE C 233 15.71 7.41 -14.29
C ILE C 233 16.01 7.57 -12.82
N CYS C 234 15.88 6.50 -12.05
CA CYS C 234 15.95 6.56 -10.60
C CYS C 234 16.97 5.58 -10.08
N THR C 235 17.55 5.92 -8.92
CA THR C 235 18.46 5.00 -8.25
C THR C 235 17.72 3.78 -7.73
N HIS C 236 16.45 3.93 -7.35
CA HIS C 236 15.72 2.93 -6.59
C HIS C 236 14.48 2.49 -7.34
N LYS C 237 14.18 1.19 -7.24
CA LYS C 237 13.00 0.64 -7.89
C LYS C 237 11.72 1.23 -7.32
N ALA C 238 11.71 1.51 -6.02
CA ALA C 238 10.53 2.09 -5.35
C ALA C 238 10.16 3.43 -5.96
N ASP C 239 11.17 4.25 -6.31
CA ASP C 239 10.90 5.51 -6.99
C ASP C 239 10.33 5.28 -8.39
N VAL C 240 10.91 4.32 -9.12
CA VAL C 240 10.37 3.92 -10.43
C VAL C 240 8.88 3.62 -10.33
N GLU C 241 8.48 2.83 -9.34
CA GLU C 241 7.07 2.46 -9.20
C GLU C 241 6.18 3.67 -8.96
N LYS C 242 6.65 4.64 -8.18
CA LYS C 242 5.84 5.83 -7.93
C LYS C 242 5.63 6.65 -9.19
N ILE C 243 6.71 6.91 -9.94
CA ILE C 243 6.60 7.70 -11.17
C ILE C 243 5.69 7.01 -12.18
N ASN C 244 5.81 5.68 -12.30
CA ASN C 244 4.98 4.96 -13.26
C ASN C 244 3.49 5.08 -12.92
N ALA C 245 3.15 5.01 -11.63
CA ALA C 245 1.76 5.12 -11.23
C ALA C 245 1.19 6.51 -11.49
N ASP C 246 1.97 7.57 -11.24
CA ASP C 246 1.57 8.91 -11.63
C ASP C 246 1.23 9.01 -13.10
N LYS C 247 2.16 8.60 -13.97
CA LYS C 247 1.91 8.72 -15.41
C LYS C 247 0.76 7.83 -15.85
N LEU C 248 0.55 6.71 -15.16
CA LEU C 248 -0.55 5.82 -15.53
C LEU C 248 -1.89 6.51 -15.29
N GLY C 249 -2.02 7.24 -14.19
CA GLY C 249 -3.26 7.89 -13.84
C GLY C 249 -4.28 6.93 -13.27
N GLU C 250 -5.51 7.43 -13.14
CA GLU C 250 -6.63 6.62 -12.69
C GLU C 250 -7.76 6.55 -13.71
N GLN C 251 -7.56 7.08 -14.92
CA GLN C 251 -8.57 7.01 -15.96
C GLN C 251 -8.45 5.69 -16.71
N GLU C 252 -9.54 4.92 -16.73
CA GLU C 252 -9.67 3.74 -17.59
C GLU C 252 -8.62 2.68 -17.27
N ILE C 253 -8.37 2.45 -16.00
CA ILE C 253 -7.35 1.51 -15.57
C ILE C 253 -7.97 0.12 -15.50
N ARG C 254 -7.22 -0.88 -15.99
CA ARG C 254 -7.53 -2.29 -15.76
C ARG C 254 -6.42 -2.92 -14.93
N ASN C 255 -6.81 -3.73 -13.96
CA ASN C 255 -5.88 -4.40 -13.05
C ASN C 255 -5.85 -5.89 -13.33
N TYR C 256 -4.65 -6.47 -13.36
CA TYR C 256 -4.47 -7.91 -13.52
C TYR C 256 -3.65 -8.44 -12.36
N ASP C 257 -4.26 -9.33 -11.57
CA ASP C 257 -3.65 -9.86 -10.36
C ASP C 257 -2.82 -11.09 -10.67
N ILE C 258 -1.69 -11.22 -9.98
CA ILE C 258 -0.90 -12.43 -10.06
C ILE C 258 -1.69 -13.58 -9.44
N VAL C 259 -1.49 -14.79 -9.98
CA VAL C 259 -1.94 -16.02 -9.35
C VAL C 259 -0.70 -16.77 -8.88
N ILE C 260 -0.56 -16.90 -7.56
CA ILE C 260 0.50 -17.69 -6.94
C ILE C 260 -0.06 -19.04 -6.53
N LYS C 261 0.72 -20.09 -6.74
CA LYS C 261 0.31 -21.45 -6.43
C LYS C 261 1.39 -22.08 -5.54
N ASP C 262 1.08 -22.17 -4.24
CA ASP C 262 1.94 -22.80 -3.23
C ASP C 262 3.13 -21.94 -2.83
N LYS C 263 4.32 -22.54 -2.74
CA LYS C 263 5.49 -21.86 -2.23
C LYS C 263 6.08 -20.92 -3.29
N PHE C 264 6.17 -19.63 -2.96
CA PHE C 264 6.77 -18.59 -3.79
C PHE C 264 6.87 -17.32 -2.96
N PRO C 265 7.95 -17.14 -2.20
CA PRO C 265 8.14 -15.88 -1.45
C PRO C 265 7.86 -14.65 -2.28
N GLU C 266 7.29 -13.63 -1.63
CA GLU C 266 6.91 -12.41 -2.32
C GLU C 266 8.13 -11.64 -2.80
N SER C 267 9.23 -11.71 -2.06
CA SER C 267 10.48 -11.07 -2.44
C SER C 267 11.21 -11.80 -3.57
N SER C 268 10.73 -12.98 -3.97
CA SER C 268 11.29 -13.70 -5.10
C SER C 268 10.42 -13.64 -6.35
N ILE C 269 9.26 -13.00 -6.30
CA ILE C 269 8.39 -12.97 -7.48
C ILE C 269 9.03 -12.08 -8.55
N PRO C 270 9.20 -12.57 -9.78
CA PRO C 270 9.82 -11.75 -10.83
C PRO C 270 8.91 -10.73 -11.48
N CYS C 271 7.61 -10.80 -11.28
CA CYS C 271 6.67 -9.97 -12.01
C CYS C 271 5.90 -9.07 -11.06
N ASP C 272 4.96 -8.31 -11.62
CA ASP C 272 4.11 -7.47 -10.80
C ASP C 272 3.08 -8.32 -10.06
N LEU C 273 2.85 -7.98 -8.79
CA LEU C 273 1.77 -8.62 -8.06
C LEU C 273 0.42 -8.19 -8.59
N HIS C 274 0.23 -6.89 -8.81
CA HIS C 274 -1.02 -6.33 -9.32
C HIS C 274 -0.68 -5.46 -10.52
N LEU C 275 -0.73 -6.05 -11.72
CA LEU C 275 -0.37 -5.33 -12.93
C LEU C 275 -1.49 -4.39 -13.34
N LYS C 276 -1.21 -3.08 -13.35
CA LYS C 276 -2.21 -2.06 -13.66
C LYS C 276 -1.82 -1.37 -14.96
N LEU C 277 -2.74 -1.36 -15.93
CA LEU C 277 -2.43 -0.92 -17.28
C LEU C 277 -3.60 -0.14 -17.87
N ARG C 278 -3.29 0.62 -18.92
CA ARG C 278 -4.30 1.28 -19.74
C ARG C 278 -3.78 1.35 -21.17
N VAL C 279 -4.69 1.56 -22.12
CA VAL C 279 -4.27 1.82 -23.48
C VAL C 279 -3.40 3.07 -23.53
N GLY C 280 -2.29 2.98 -24.26
CA GLY C 280 -1.31 4.05 -24.29
C GLY C 280 -0.19 3.94 -23.28
N ALA C 281 -0.25 2.98 -22.36
CA ALA C 281 0.77 2.86 -21.34
C ALA C 281 2.08 2.35 -21.93
N ARG C 282 3.18 3.00 -21.53
CA ARG C 282 4.53 2.57 -21.90
C ARG C 282 4.92 1.38 -21.03
N VAL C 283 5.26 0.26 -21.65
CA VAL C 283 5.53 -0.98 -20.92
C VAL C 283 6.81 -1.62 -21.47
N MET C 284 7.32 -2.58 -20.69
CA MET C 284 8.49 -3.37 -21.05
C MET C 284 8.17 -4.85 -20.86
N SER C 285 8.63 -5.67 -21.79
CA SER C 285 8.54 -7.12 -21.60
C SER C 285 9.56 -7.60 -20.58
N LEU C 286 9.14 -8.56 -19.75
CA LEU C 286 10.00 -9.10 -18.70
C LEU C 286 10.67 -10.42 -19.06
N VAL C 287 10.23 -11.09 -20.13
CA VAL C 287 10.72 -12.44 -20.44
C VAL C 287 11.00 -12.54 -21.93
N ASN C 288 11.72 -13.59 -22.30
CA ASN C 288 12.06 -13.90 -23.68
C ASN C 288 11.15 -14.99 -24.22
N ASP C 289 10.66 -14.78 -25.44
CA ASP C 289 9.97 -15.85 -26.17
C ASP C 289 10.27 -15.62 -27.65
N SER C 290 11.38 -16.20 -28.11
CA SER C 290 11.86 -15.92 -29.46
C SER C 290 10.88 -16.40 -30.51
N LEU C 291 10.13 -17.48 -30.20
CA LEU C 291 9.10 -17.95 -31.10
C LEU C 291 8.04 -16.89 -31.36
N LYS C 292 7.65 -16.15 -30.32
CA LYS C 292 6.64 -15.11 -30.46
C LYS C 292 7.21 -13.75 -30.83
N GLY C 293 8.53 -13.65 -30.96
CA GLY C 293 9.17 -12.41 -31.36
C GLY C 293 9.39 -11.34 -30.30
N TYR C 294 9.29 -11.68 -29.02
CA TYR C 294 9.55 -10.69 -27.97
C TYR C 294 10.60 -11.23 -27.01
N TYR C 295 11.26 -10.30 -26.32
CA TYR C 295 12.48 -10.60 -25.58
C TYR C 295 12.53 -9.69 -24.36
N ASN C 296 13.29 -10.13 -23.35
CA ASN C 296 13.43 -9.37 -22.12
C ASN C 296 13.98 -7.97 -22.40
N GLY C 297 13.25 -6.97 -21.93
CA GLY C 297 13.66 -5.58 -22.06
C GLY C 297 13.06 -4.83 -23.23
N MET C 298 12.34 -5.51 -24.11
CA MET C 298 11.74 -4.85 -25.26
C MET C 298 10.58 -3.96 -24.83
N LEU C 299 10.51 -2.77 -25.42
CA LEU C 299 9.59 -1.72 -25.02
C LEU C 299 8.47 -1.58 -26.03
N GLY C 300 7.27 -1.28 -25.55
CA GLY C 300 6.16 -1.02 -26.45
C GLY C 300 5.06 -0.22 -25.78
N ILE C 301 3.92 -0.14 -26.47
CA ILE C 301 2.77 0.62 -26.01
C ILE C 301 1.52 -0.26 -26.04
N VAL C 302 0.80 -0.31 -24.92
CA VAL C 302 -0.43 -1.09 -24.85
C VAL C 302 -1.46 -0.51 -25.81
N THR C 303 -2.01 -1.35 -26.68
CA THR C 303 -3.08 -0.94 -27.58
C THR C 303 -4.45 -1.52 -27.25
N ALA C 304 -4.53 -2.63 -26.51
CA ALA C 304 -5.82 -3.14 -26.07
C ALA C 304 -5.65 -3.99 -24.83
N LEU C 305 -6.66 -3.98 -23.98
CA LEU C 305 -6.69 -4.81 -22.77
C LEU C 305 -7.94 -5.68 -22.76
N GLU C 306 -7.74 -6.99 -22.58
CA GLU C 306 -8.83 -7.95 -22.48
C GLU C 306 -8.62 -8.78 -21.21
N ASP C 307 -9.52 -9.75 -20.98
CA ASP C 307 -9.40 -10.58 -19.79
C ASP C 307 -8.08 -11.34 -19.78
N ASN C 308 -7.71 -11.92 -20.92
CA ASN C 308 -6.58 -12.85 -20.98
C ASN C 308 -5.57 -12.51 -22.05
N VAL C 309 -5.69 -11.35 -22.70
CA VAL C 309 -4.82 -10.96 -23.81
C VAL C 309 -4.61 -9.45 -23.71
N ILE C 310 -3.36 -9.02 -23.84
CA ILE C 310 -3.00 -7.61 -23.93
C ILE C 310 -2.30 -7.40 -25.26
N THR C 311 -2.79 -6.47 -26.06
CA THR C 311 -2.21 -6.22 -27.36
C THR C 311 -1.29 -5.00 -27.27
N VAL C 312 -0.04 -5.18 -27.72
CA VAL C 312 0.99 -4.16 -27.61
C VAL C 312 1.67 -4.03 -28.97
N ARG C 313 1.76 -2.80 -29.48
CA ARG C 313 2.59 -2.51 -30.64
C ARG C 313 4.00 -2.17 -30.16
N MET C 314 4.96 -3.05 -30.45
CA MET C 314 6.31 -2.85 -29.99
C MET C 314 6.99 -1.72 -30.76
N ASP C 315 7.99 -1.13 -30.11
CA ASP C 315 8.83 -0.10 -30.74
C ASP C 315 9.41 -0.57 -32.08
N ASN C 316 9.72 -1.86 -32.20
CA ASN C 316 10.31 -2.37 -33.43
C ASN C 316 9.29 -2.60 -34.54
N GLY C 317 8.05 -2.15 -34.36
CA GLY C 317 7.01 -2.25 -35.36
C GLY C 317 6.16 -3.50 -35.28
N ARG C 318 6.64 -4.56 -34.63
CA ARG C 318 5.83 -5.75 -34.44
C ARG C 318 4.68 -5.50 -33.49
N THR C 319 3.51 -6.03 -33.82
CA THR C 319 2.40 -6.05 -32.87
C THR C 319 2.35 -7.43 -32.25
N ILE C 320 2.34 -7.50 -30.93
CA ILE C 320 2.37 -8.75 -30.20
C ILE C 320 1.16 -8.86 -29.29
N LYS C 321 0.58 -10.06 -29.23
CA LYS C 321 -0.54 -10.36 -28.33
C LYS C 321 0.06 -11.18 -27.19
N PHE C 322 0.19 -10.56 -26.02
CA PHE C 322 0.79 -11.21 -24.86
C PHE C 322 -0.27 -11.98 -24.08
N GLU C 323 0.03 -13.24 -23.78
CA GLU C 323 -0.73 -14.02 -22.83
C GLU C 323 0.06 -14.18 -21.53
N ARG C 324 -0.60 -14.76 -20.54
CA ARG C 324 0.02 -14.98 -19.24
C ARG C 324 1.15 -15.99 -19.34
N TYR C 325 2.14 -15.82 -18.46
CA TYR C 325 3.32 -16.66 -18.40
C TYR C 325 3.39 -17.29 -17.02
N THR C 326 3.97 -18.49 -16.95
CA THR C 326 4.07 -19.23 -15.70
C THR C 326 5.53 -19.44 -15.33
N TRP C 327 5.94 -18.88 -14.19
CA TRP C 327 7.26 -19.10 -13.63
C TRP C 327 7.21 -20.30 -12.69
N SER C 328 8.34 -20.99 -12.55
CA SER C 328 8.47 -22.08 -11.60
C SER C 328 9.43 -21.71 -10.47
N ASN C 329 9.07 -22.10 -9.25
CA ASN C 329 9.96 -22.07 -8.10
C ASN C 329 10.29 -23.50 -7.70
N THR C 330 11.57 -23.85 -7.73
CA THR C 330 11.98 -25.25 -7.66
C THR C 330 12.84 -25.51 -6.42
N GLU C 343 9.77 -29.01 -8.35
CA GLU C 343 8.81 -27.93 -8.52
C GLU C 343 7.85 -27.84 -7.34
N ILE C 344 8.11 -26.89 -6.44
CA ILE C 344 7.25 -26.71 -5.27
C ILE C 344 6.12 -25.74 -5.55
N GLY C 345 6.39 -24.58 -6.16
CA GLY C 345 5.37 -23.58 -6.37
C GLY C 345 5.60 -22.81 -7.64
N SER C 346 4.54 -22.13 -8.09
CA SER C 346 4.56 -21.41 -9.36
C SER C 346 3.72 -20.14 -9.24
N CYS C 347 3.92 -19.23 -10.20
CA CYS C 347 3.14 -17.99 -10.27
C CYS C 347 2.87 -17.65 -11.72
N THR C 348 1.69 -17.10 -11.99
CA THR C 348 1.25 -16.82 -13.36
C THR C 348 0.78 -15.38 -13.47
N GLN C 349 1.25 -14.68 -14.52
CA GLN C 349 1.03 -13.26 -14.68
C GLN C 349 1.52 -12.84 -16.05
N PHE C 350 0.93 -11.78 -16.59
CA PHE C 350 1.41 -11.20 -17.83
C PHE C 350 2.85 -10.72 -17.67
N PRO C 351 3.73 -11.01 -18.62
CA PRO C 351 5.15 -10.64 -18.48
C PRO C 351 5.42 -9.19 -18.91
N LEU C 352 4.72 -8.25 -18.28
CA LEU C 352 4.82 -6.84 -18.63
C LEU C 352 4.88 -6.02 -17.37
N THR C 353 5.52 -4.86 -17.46
CA THR C 353 5.58 -3.91 -16.36
C THR C 353 5.69 -2.51 -16.93
N LEU C 354 5.21 -1.54 -16.16
CA LEU C 354 5.27 -0.15 -16.62
C LEU C 354 6.72 0.26 -16.75
N ALA C 355 6.98 1.24 -17.62
CA ALA C 355 8.36 1.53 -17.97
C ALA C 355 8.57 2.96 -18.45
N TRP C 356 7.72 3.90 -18.02
CA TRP C 356 8.10 5.30 -18.18
C TRP C 356 9.39 5.57 -17.43
N ALA C 357 9.44 5.16 -16.16
CA ALA C 357 10.61 5.27 -15.31
C ALA C 357 11.36 3.93 -15.31
N ILE C 358 12.69 4.01 -15.18
CA ILE C 358 13.54 2.82 -15.12
C ILE C 358 14.66 3.09 -14.15
N THR C 359 15.28 2.02 -13.68
CA THR C 359 16.44 2.17 -12.81
C THR C 359 17.65 2.60 -13.62
N ILE C 360 18.63 3.17 -12.91
CA ILE C 360 19.91 3.49 -13.56
C ILE C 360 20.58 2.22 -14.06
N HIS C 361 20.45 1.13 -13.30
CA HIS C 361 21.02 -0.14 -13.74
C HIS C 361 20.45 -0.58 -15.08
N LYS C 362 19.15 -0.40 -15.28
CA LYS C 362 18.54 -0.75 -16.56
C LYS C 362 18.86 0.26 -17.65
N SER C 363 19.18 1.50 -17.29
CA SER C 363 19.48 2.51 -18.31
C SER C 363 20.85 2.35 -18.94
N GLN C 364 21.76 1.61 -18.30
CA GLN C 364 23.13 1.53 -18.78
C GLN C 364 23.18 0.90 -20.16
N GLY C 365 23.72 1.63 -21.13
CA GLY C 365 23.72 1.21 -22.52
C GLY C 365 22.84 2.04 -23.43
N LEU C 366 21.84 2.73 -22.87
CA LEU C 366 20.88 3.47 -23.67
C LEU C 366 21.29 4.92 -23.82
N THR C 367 20.74 5.58 -24.85
CA THR C 367 20.96 7.00 -25.11
C THR C 367 19.62 7.72 -25.13
N PHE C 368 19.59 8.93 -24.57
CA PHE C 368 18.39 9.73 -24.52
C PHE C 368 18.72 11.18 -24.84
N ASP C 369 17.71 11.90 -25.33
CA ASP C 369 17.83 13.35 -25.52
C ASP C 369 17.44 14.14 -24.28
N LYS C 370 16.48 13.65 -23.49
CA LYS C 370 15.94 14.38 -22.36
C LYS C 370 15.64 13.40 -21.22
N ILE C 371 16.18 13.70 -20.04
CA ILE C 371 16.04 12.80 -18.89
C ILE C 371 15.80 13.62 -17.63
N ILE C 372 15.10 13.01 -16.68
CA ILE C 372 14.99 13.49 -15.31
C ILE C 372 15.62 12.42 -14.43
N ILE C 373 16.68 12.77 -13.73
CA ILE C 373 17.41 11.83 -12.88
C ILE C 373 17.08 12.06 -11.42
N HIS C 374 16.92 10.96 -10.69
CA HIS C 374 16.64 10.98 -9.25
C HIS C 374 17.86 10.36 -8.58
N VAL C 375 18.81 11.18 -8.19
CA VAL C 375 20.08 10.68 -7.67
C VAL C 375 20.37 11.25 -6.29
N SER C 376 19.34 11.76 -5.61
CA SER C 376 19.54 12.29 -4.27
C SER C 376 20.14 11.25 -3.31
N HIS C 377 19.93 9.96 -3.57
CA HIS C 377 20.60 8.90 -2.84
C HIS C 377 21.24 7.91 -3.81
N THR C 378 22.55 8.01 -4.00
CA THR C 378 23.31 7.02 -4.76
C THR C 378 24.07 6.09 -3.81
N PHE C 379 24.27 4.84 -4.24
CA PHE C 379 24.87 3.84 -3.36
C PHE C 379 25.80 2.88 -4.09
N CYS C 380 26.00 3.03 -5.39
CA CYS C 380 26.94 2.23 -6.17
C CYS C 380 28.00 3.12 -6.81
N PRO C 381 29.25 2.66 -6.87
CA PRO C 381 30.21 3.30 -7.77
C PRO C 381 29.66 3.37 -9.19
N GLY C 382 29.91 4.50 -9.86
CA GLY C 382 29.51 4.65 -11.24
C GLY C 382 28.05 4.99 -11.47
N GLN C 383 27.22 4.98 -10.42
CA GLN C 383 25.79 5.18 -10.61
C GLN C 383 25.49 6.59 -11.09
N LEU C 384 26.05 7.60 -10.41
CA LEU C 384 25.85 8.98 -10.85
C LEU C 384 26.39 9.19 -12.25
N TYR C 385 27.57 8.63 -12.54
CA TYR C 385 28.19 8.81 -13.85
C TYR C 385 27.31 8.23 -14.97
N VAL C 386 26.77 7.02 -14.76
CA VAL C 386 25.89 6.42 -15.75
C VAL C 386 24.66 7.28 -15.98
N ALA C 387 24.08 7.79 -14.91
CA ALA C 387 22.85 8.58 -15.03
C ALA C 387 23.06 9.83 -15.87
N LEU C 388 24.10 10.61 -15.57
CA LEU C 388 24.38 11.83 -16.31
C LEU C 388 24.76 11.55 -17.76
N SER C 389 25.50 10.47 -18.00
CA SER C 389 26.07 10.24 -19.33
C SER C 389 25.08 9.64 -20.32
N ARG C 390 23.82 9.42 -19.93
CA ARG C 390 22.84 8.94 -20.89
C ARG C 390 22.43 10.02 -21.89
N CYS C 391 22.62 11.29 -21.55
CA CYS C 391 21.97 12.40 -22.26
C CYS C 391 22.95 13.05 -23.23
N ARG C 392 22.44 13.40 -24.42
CA ARG C 392 23.30 14.00 -25.43
C ARG C 392 23.73 15.43 -25.09
N THR C 393 22.92 16.17 -24.33
CA THR C 393 23.26 17.54 -23.98
C THR C 393 23.02 17.79 -22.50
N LEU C 394 23.71 18.80 -21.97
CA LEU C 394 23.52 19.20 -20.59
C LEU C 394 22.12 19.75 -20.35
N GLU C 395 21.63 20.57 -21.26
CA GLU C 395 20.32 21.20 -21.09
C GLU C 395 19.19 20.18 -21.03
N GLY C 396 19.39 19.01 -21.63
CA GLY C 396 18.35 17.99 -21.59
C GLY C 396 18.22 17.24 -20.28
N ILE C 397 19.07 17.52 -19.29
CA ILE C 397 19.02 16.84 -18.00
C ILE C 397 18.29 17.72 -17.01
N VAL C 398 17.33 17.15 -16.30
CA VAL C 398 16.78 17.75 -15.08
C VAL C 398 17.11 16.84 -13.91
N SER C 399 17.43 17.43 -12.76
CA SER C 399 17.78 16.66 -11.58
C SER C 399 16.88 17.08 -10.43
N ASP C 400 16.61 16.14 -9.52
CA ASP C 400 15.93 16.47 -8.28
C ASP C 400 16.86 17.04 -7.22
N ALA C 401 18.18 16.99 -7.43
CA ALA C 401 19.13 17.37 -6.39
C ALA C 401 20.38 17.95 -7.04
N PHE C 402 21.06 18.82 -6.30
CA PHE C 402 22.38 19.27 -6.71
C PHE C 402 23.34 18.08 -6.76
N ILE C 403 24.22 18.09 -7.75
CA ILE C 403 25.20 17.01 -7.94
C ILE C 403 26.41 17.32 -7.06
N THR C 404 26.74 16.37 -6.17
CA THR C 404 27.83 16.56 -5.23
C THR C 404 28.81 15.41 -5.29
N LYS C 405 30.01 15.66 -4.74
CA LYS C 405 31.02 14.61 -4.61
C LYS C 405 30.55 13.44 -3.76
N GLN C 406 29.62 13.66 -2.83
CA GLN C 406 29.13 12.53 -2.04
C GLN C 406 28.40 11.51 -2.90
N MET C 407 27.98 11.87 -4.11
CA MET C 407 27.36 10.91 -5.01
C MET C 407 28.38 10.00 -5.68
N ILE C 408 29.67 10.29 -5.54
CA ILE C 408 30.74 9.55 -6.21
C ILE C 408 31.30 8.53 -5.24
N ILE C 409 31.39 7.28 -5.69
CA ILE C 409 31.84 6.17 -4.84
C ILE C 409 33.04 5.49 -5.47
N PRO C 410 34.24 5.64 -4.94
CA PRO C 410 35.42 5.05 -5.58
C PRO C 410 35.44 3.55 -5.38
N GLU C 411 35.97 2.85 -6.38
CA GLU C 411 36.22 1.40 -6.33
C GLU C 411 37.70 1.20 -6.59
N TYR C 412 38.49 1.10 -5.52
CA TYR C 412 39.94 1.11 -5.66
C TYR C 412 40.49 -0.15 -6.30
N ALA C 413 39.74 -1.25 -6.33
CA ALA C 413 40.17 -2.42 -7.08
C ALA C 413 40.31 -2.16 -8.57
N LEU C 414 39.62 -1.14 -9.09
CA LEU C 414 39.74 -0.79 -10.49
C LEU C 414 41.01 0.00 -10.79
N ILE C 415 41.42 0.87 -9.87
CA ILE C 415 42.72 1.54 -10.01
C ILE C 415 43.84 0.52 -10.08
N ASP C 416 43.83 -0.45 -9.17
CA ASP C 416 44.84 -1.51 -9.17
C ASP C 416 44.84 -2.27 -10.49
N PHE C 417 43.66 -2.63 -10.98
CA PHE C 417 43.55 -3.40 -12.21
C PHE C 417 44.14 -2.64 -13.39
N GLU C 418 43.76 -1.37 -13.56
CA GLU C 418 44.28 -0.59 -14.67
C GLU C 418 45.79 -0.40 -14.57
N ARG C 419 46.29 -0.15 -13.37
CA ARG C 419 47.74 -0.06 -13.17
C ARG C 419 48.44 -1.35 -13.61
N ALA C 420 47.86 -2.51 -13.29
CA ALA C 420 48.50 -3.77 -13.61
C ALA C 420 48.60 -4.01 -15.12
N TYR C 421 47.48 -3.93 -15.85
CA TYR C 421 47.53 -4.26 -17.26
C TYR C 421 48.22 -3.18 -18.09
N LYS C 422 48.09 -1.91 -17.69
CA LYS C 422 48.72 -0.84 -18.46
C LYS C 422 50.23 -0.92 -18.43
N SER C 423 50.80 -1.45 -17.35
CA SER C 423 52.24 -1.56 -17.23
C SER C 423 52.77 -2.87 -17.77
N GLU C 424 51.88 -3.76 -18.22
CA GLU C 424 52.25 -5.07 -18.72
C GLU C 424 51.73 -5.29 -20.14
N GLY C 425 51.82 -4.26 -20.97
CA GLY C 425 51.51 -4.41 -22.38
C GLY C 425 50.05 -4.42 -22.73
N ASN C 426 49.18 -3.85 -21.89
CA ASN C 426 47.74 -3.83 -22.13
C ASN C 426 47.19 -5.25 -22.32
N TYR C 427 47.59 -6.13 -21.41
CA TYR C 427 47.18 -7.53 -21.41
C TYR C 427 47.03 -7.96 -19.97
N TYR C 428 46.03 -8.80 -19.70
CA TYR C 428 45.78 -9.31 -18.36
C TYR C 428 45.53 -10.80 -18.42
N GLY C 429 46.06 -11.52 -17.44
CA GLY C 429 45.90 -12.95 -17.31
C GLY C 429 47.10 -13.70 -17.88
N LYS C 430 46.90 -15.00 -18.06
CA LYS C 430 47.97 -15.87 -18.51
C LYS C 430 48.31 -15.59 -19.97
N ARG C 431 49.57 -15.25 -20.23
CA ARG C 431 50.02 -15.03 -21.60
C ARG C 431 50.30 -16.37 -22.27
N LEU C 432 49.87 -16.50 -23.52
CA LEU C 432 49.87 -17.80 -24.19
C LEU C 432 50.94 -17.89 -25.27
PB ADP D . -32.76 -3.12 18.88
O1B ADP D . -31.38 -3.19 18.29
O2B ADP D . -33.70 -4.21 18.42
O3B ADP D . -33.38 -1.75 18.86
PA ADP D . -31.73 -4.74 20.94
O1A ADP D . -31.53 -5.62 19.74
O2A ADP D . -30.54 -4.20 21.71
O3A ADP D . -32.56 -3.43 20.45
O5' ADP D . -32.68 -5.47 22.00
C5' ADP D . -34.01 -5.03 22.25
C4' ADP D . -34.50 -5.62 23.57
O4' ADP D . -35.75 -6.28 23.34
C3' ADP D . -33.55 -6.65 24.16
O3' ADP D . -32.80 -6.08 25.23
C2' ADP D . -34.46 -7.74 24.68
O2' ADP D . -34.75 -7.52 26.05
C1' ADP D . -35.73 -7.61 23.87
N9 ADP D . -35.66 -8.55 22.73
C8 ADP D . -35.11 -8.29 21.53
N7 ADP D . -35.20 -9.34 20.69
C5 ADP D . -35.82 -10.33 21.36
C6 ADP D . -36.23 -11.72 21.06
N6 ADP D . -36.00 -12.27 19.85
N1 ADP D . -36.86 -12.41 22.03
C2 ADP D . -37.11 -11.86 23.24
N3 ADP D . -36.76 -10.61 23.59
C4 ADP D . -36.13 -9.81 22.70
MG MG E . -29.25 -2.43 18.95
AL ALF F . -31.57 -0.04 19.19
F1 ALF F . -30.98 -0.75 20.72
F2 ALF F . -32.18 0.64 17.65
F3 ALF F . -30.30 -0.91 18.29
F4 ALF F . -32.85 0.81 20.09
PB ADP G . 28.68 3.45 -25.82
O1B ADP G . 29.52 4.18 -26.84
O2B ADP G . 28.86 3.97 -24.42
O3B ADP G . 28.69 1.95 -25.95
PA ADP G . 26.58 3.65 -27.71
O1A ADP G . 27.69 3.14 -28.61
O2A ADP G . 25.33 2.84 -27.55
O3A ADP G . 27.16 3.85 -26.21
O5' ADP G . 26.13 5.12 -28.21
C5' ADP G . 27.00 6.25 -28.18
C4' ADP G . 26.45 7.32 -29.11
O4' ADP G . 27.51 7.81 -29.94
C3' ADP G . 25.38 6.77 -30.05
O3' ADP G . 24.35 7.75 -30.20
C2' ADP G . 26.07 6.61 -31.38
O2' ADP G . 25.17 6.90 -32.46
C1' ADP G . 27.19 7.61 -31.33
N9 ADP G . 28.38 7.09 -32.06
C8 ADP G . 29.21 6.13 -31.63
N7 ADP G . 30.19 5.90 -32.54
C5 ADP G . 29.99 6.73 -33.58
C6 ADP G . 30.65 7.02 -34.87
N6 ADP G . 31.76 6.34 -35.23
N1 ADP G . 30.11 7.98 -35.65
C2 ADP G . 29.01 8.66 -35.29
N3 ADP G . 28.36 8.45 -34.14
C4 ADP G . 28.79 7.52 -33.24
MG MG H . 27.70 0.38 -24.88
AL ALF I . 27.34 3.09 -22.62
F1 ALF I . 25.74 3.68 -23.14
F2 ALF I . 28.94 2.51 -22.09
F3 ALF I . 27.08 1.57 -23.51
F4 ALF I . 27.62 4.63 -21.76
#